data_8K3T
#
_entry.id   8K3T
#
_cell.length_a   1.00
_cell.length_b   1.00
_cell.length_c   1.00
_cell.angle_alpha   90.00
_cell.angle_beta   90.00
_cell.angle_gamma   90.00
#
_symmetry.space_group_name_H-M   'P 1'
#
loop_
_entity.id
_entity.type
_entity.pdbx_description
1 polymer 'Chitin synthase 1'
2 non-polymer 'MAGNESIUM ION'
3 non-polymer "URIDINE-5'-DIPHOSPHATE"
4 non-polymer '(2S)-3-(hexadecanoyloxy)-2-[(9Z)-octadec-9-enoyloxy]propyl 2-(trimethylammonio)ethyl phosphate'
#
_entity_poly.entity_id   1
_entity_poly.type   'polypeptide(L)'
_entity_poly.pdbx_seq_one_letter_code
;MSDQNNRSRNEYHSNRKNEPSYELQNAHSGLFHSSNEELTNRNQRYTNQNASMGSFTPVQSLQFPEQSQQTNMLYNGDDG
NNNTINDNERDIYGGFVNHHRQRPPPATAEYNDVFNTNSQQLPSEHQYNNVPSYPLPSINVIQTTPELIHNGSQTMATPI
ERPFFNENDYYYNNRNSRTSPSIASSSDGYADQEARPILEQPNNNMNSGNIPQYHDQPFGYNNGYHGLQAKDYYDDPEGG
YIDQRGDDYQINSYLGRNGEMVDPYDYENSLRHMTPMERREYLHDDSRPVNDGKEELDSVKSGYSHRDLGEYDKDDFSRD
DEYDDLNTIDKLQFQANGVPASSSVSSIGSKESDIIVSNDNLTANRALKRSGTEIRKFKLWNGNFVFDSPISKTLLDQYA
TTTENANTLPNEFKFMRYQAVTCEPNQLAEKNFTVRQLKYLTPRETELMLVVTMYNEDHILLGRTLKGIMDNVKYMVKKK
NSSTWGPDAWKKIVVCIISDGRSKINERSLALLSSLGCYQDGFAKDEINEKKVAMHVYEHTTMINITNISESEVSLECNQ
GTVPIQLLFCLKEQNQKKINSHRWAFEGFAELLRPNIVTLLDAGTMPGKDSIYQLWREFRNPNVGGACGEIRTDLGKRFV
KLLNPLVASQNFEYKMSNILDKTTESNFGFITVLPGAFSAYRFEAVRGQPLQKYFYGEIMENEGFHFFSSNMYLAEDRIL
CFEVVTKKNCNWILKYCRSSYASTDVPERVPEFILQRRRWLNGSFFASVYSFCHFYRVWSSGHNIGRKLLLTVEFFYLFF
NTLISWFSLSSFFLVFRILTVSIALAYHSAFNVLSVIFLWLYGICTLSTFILSLGNKPKSTEKFYVLTCVIFAVMMIYMI
FCSIFMSVKSFQNILKNDTISFEGLITTEAFRDIVISLGSTYCLYLISSIIYLQPWHMLTSFIQYILLSPSYINVLNIYA
FCNVHDLSWGTKGAMANPLGKINTTEDGTFKMEVLVSSSEIQANYDKYLKVLNDFDPKSESRPTEPSYDEKKTGYYANVR
SLVIIFWVITNFIIVAVVLETGGIADYIAMKSISTDDTLETAKKAEIPLMTSKASIYFNVILWLVALSALIRFIGCSIYM
IVRFFKKVTFR
;
_entity_poly.pdbx_strand_id   A,B
#
# COMPACT_ATOMS: atom_id res chain seq x y z
N PRO A 410 50.39 -1.71 -30.11
CA PRO A 410 51.25 -2.71 -29.45
C PRO A 410 50.46 -3.90 -28.93
N ASN A 411 51.11 -4.83 -28.22
CA ASN A 411 50.43 -6.06 -27.75
C ASN A 411 49.17 -5.69 -26.95
N GLU A 412 49.29 -4.75 -26.01
CA GLU A 412 48.12 -4.38 -25.16
C GLU A 412 47.03 -3.82 -26.07
N PHE A 413 47.41 -3.20 -27.20
CA PHE A 413 46.41 -2.68 -28.17
C PHE A 413 46.00 -3.83 -29.10
N LYS A 414 46.76 -4.92 -29.10
CA LYS A 414 46.47 -6.07 -30.00
C LYS A 414 45.66 -7.13 -29.25
N PHE A 415 45.71 -7.11 -27.91
CA PHE A 415 45.02 -8.17 -27.13
C PHE A 415 44.29 -7.54 -25.94
N MET A 416 43.20 -8.16 -25.49
CA MET A 416 42.41 -7.64 -24.34
C MET A 416 42.69 -8.52 -23.11
N ARG A 417 43.33 -7.95 -22.10
CA ARG A 417 43.63 -8.71 -20.85
C ARG A 417 42.35 -8.80 -20.00
N TYR A 418 42.18 -9.92 -19.28
CA TYR A 418 41.00 -10.06 -18.39
C TYR A 418 41.48 -10.43 -16.98
N GLN A 419 40.67 -10.09 -15.97
CA GLN A 419 41.03 -10.43 -14.55
C GLN A 419 39.74 -10.61 -13.75
N ALA A 420 39.80 -11.37 -12.65
CA ALA A 420 38.59 -11.61 -11.82
C ALA A 420 38.76 -10.96 -10.45
N VAL A 421 38.09 -9.83 -10.22
CA VAL A 421 38.16 -9.15 -8.89
C VAL A 421 37.36 -9.98 -7.88
N THR A 422 37.89 -10.11 -6.65
CA THR A 422 37.21 -10.92 -5.60
C THR A 422 37.51 -10.32 -4.23
N CYS A 423 37.12 -9.06 -4.00
CA CYS A 423 37.35 -8.40 -2.68
C CYS A 423 36.42 -7.19 -2.53
N GLU A 424 36.16 -6.77 -1.29
CA GLU A 424 35.33 -5.55 -1.07
C GLU A 424 35.99 -4.39 -1.82
N PRO A 425 35.23 -3.54 -2.53
CA PRO A 425 35.81 -2.46 -3.36
C PRO A 425 36.89 -1.61 -2.73
N ASN A 426 36.86 -1.31 -1.43
CA ASN A 426 37.91 -0.43 -0.92
C ASN A 426 39.14 -1.21 -0.47
N GLN A 427 39.35 -2.41 -1.01
CA GLN A 427 40.48 -3.25 -0.64
C GLN A 427 41.44 -3.52 -1.79
N LEU A 428 41.21 -2.92 -2.97
CA LEU A 428 41.97 -3.30 -4.16
C LEU A 428 43.47 -3.10 -3.99
N ALA A 429 43.87 -2.07 -3.25
CA ALA A 429 45.30 -1.74 -3.18
C ALA A 429 46.09 -2.80 -2.41
N GLU A 430 45.76 -2.99 -1.15
CA GLU A 430 46.42 -4.01 -0.34
C GLU A 430 46.17 -5.40 -0.88
N LYS A 431 45.06 -5.58 -1.62
CA LYS A 431 44.77 -6.88 -2.20
C LYS A 431 45.71 -7.27 -3.31
N ASN A 432 46.66 -6.40 -3.66
CA ASN A 432 47.64 -6.66 -4.70
C ASN A 432 46.96 -6.90 -6.05
N PHE A 433 46.13 -5.95 -6.45
CA PHE A 433 45.48 -5.97 -7.76
C PHE A 433 45.98 -4.77 -8.55
N THR A 434 46.43 -5.01 -9.77
CA THR A 434 47.11 -3.98 -10.55
C THR A 434 46.36 -3.72 -11.84
N VAL A 435 46.78 -2.66 -12.54
CA VAL A 435 46.22 -2.28 -13.82
C VAL A 435 47.37 -1.95 -14.77
N ARG A 436 47.06 -2.02 -16.06
CA ARG A 436 48.09 -1.83 -17.09
C ARG A 436 48.73 -0.46 -16.99
N GLN A 437 47.93 0.55 -16.61
CA GLN A 437 48.44 1.92 -16.54
C GLN A 437 49.63 2.02 -15.61
N LEU A 438 49.70 1.14 -14.61
CA LEU A 438 50.77 1.16 -13.64
C LEU A 438 51.91 0.22 -13.99
N LYS A 439 51.71 -0.68 -14.96
CA LYS A 439 52.67 -1.72 -15.26
C LYS A 439 53.61 -1.35 -16.40
N TYR A 440 53.45 -0.17 -17.00
CA TYR A 440 54.40 0.24 -18.02
C TYR A 440 55.74 0.55 -17.38
N LEU A 441 56.77 0.61 -18.23
CA LEU A 441 58.12 0.88 -17.74
C LEU A 441 58.16 2.21 -16.98
N THR A 442 57.49 3.22 -17.50
CA THR A 442 57.21 4.43 -16.75
C THR A 442 55.71 4.55 -16.56
N PRO A 443 55.22 4.68 -15.32
CA PRO A 443 53.77 4.72 -15.11
C PRO A 443 53.14 5.88 -15.88
N ARG A 444 51.97 5.61 -16.43
CA ARG A 444 51.23 6.62 -17.17
C ARG A 444 50.45 7.49 -16.18
N GLU A 445 50.80 8.77 -16.10
CA GLU A 445 50.13 9.68 -15.19
C GLU A 445 48.81 10.10 -15.81
N THR A 446 47.74 9.37 -15.47
CA THR A 446 46.43 9.70 -16.00
C THR A 446 45.95 11.03 -15.45
N GLU A 447 45.35 11.83 -16.33
CA GLU A 447 44.77 13.10 -15.92
C GLU A 447 43.28 13.00 -15.66
N LEU A 448 42.61 12.02 -16.24
CA LEU A 448 41.16 12.08 -16.30
C LEU A 448 40.56 10.68 -16.44
N MET A 449 39.50 10.43 -15.68
CA MET A 449 38.75 9.19 -15.72
C MET A 449 37.30 9.45 -16.09
N LEU A 450 36.78 8.68 -17.03
CA LEU A 450 35.37 8.77 -17.41
C LEU A 450 34.68 7.50 -16.97
N VAL A 451 33.59 7.63 -16.22
CA VAL A 451 32.82 6.50 -15.74
C VAL A 451 31.49 6.46 -16.47
N VAL A 452 31.19 5.34 -17.10
CA VAL A 452 29.91 5.13 -17.77
C VAL A 452 29.20 3.98 -17.06
N THR A 453 27.98 4.22 -16.60
CA THR A 453 27.17 3.21 -15.97
C THR A 453 26.05 2.83 -16.93
N MET A 454 25.94 1.55 -17.25
CA MET A 454 24.83 1.07 -18.07
C MET A 454 24.22 -0.14 -17.37
N TYR A 455 22.90 -0.19 -17.34
CA TYR A 455 22.21 -1.24 -16.62
C TYR A 455 21.64 -2.29 -17.58
N ASN A 456 20.80 -1.88 -18.50
CA ASN A 456 20.26 -2.76 -19.53
C ASN A 456 20.13 -2.04 -20.85
N GLU A 457 20.97 -1.03 -21.06
CA GLU A 457 20.82 -0.17 -22.24
C GLU A 457 21.15 -0.92 -23.52
N ASP A 458 20.44 -0.57 -24.57
CA ASP A 458 20.66 -1.14 -25.89
C ASP A 458 21.98 -0.61 -26.47
N HIS A 459 22.43 -1.27 -27.53
CA HIS A 459 23.71 -0.91 -28.13
C HIS A 459 23.68 0.50 -28.66
N ILE A 460 22.53 0.96 -29.15
CA ILE A 460 22.46 2.30 -29.72
C ILE A 460 22.75 3.36 -28.67
N LEU A 461 22.17 3.20 -27.47
CA LEU A 461 22.35 4.21 -26.44
C LEU A 461 23.82 4.33 -26.04
N LEU A 462 24.44 3.20 -25.76
CA LEU A 462 25.87 3.21 -25.45
C LEU A 462 26.67 3.75 -26.62
N GLY A 463 26.25 3.44 -27.85
CA GLY A 463 26.94 3.98 -29.01
C GLY A 463 26.89 5.49 -29.06
N ARG A 464 25.72 6.07 -28.77
CA ARG A 464 25.61 7.52 -28.70
C ARG A 464 26.60 8.08 -27.70
N THR A 465 26.57 7.55 -26.48
CA THR A 465 27.45 8.08 -25.45
C THR A 465 28.92 7.93 -25.84
N LEU A 466 29.28 6.76 -26.34
CA LEU A 466 30.67 6.47 -26.65
C LEU A 466 31.15 7.27 -27.85
N LYS A 467 30.27 7.56 -28.81
CA LYS A 467 30.62 8.49 -29.87
C LYS A 467 30.95 9.85 -29.31
N GLY A 468 30.12 10.36 -28.40
CA GLY A 468 30.45 11.61 -27.74
C GLY A 468 31.82 11.54 -27.10
N ILE A 469 32.13 10.40 -26.49
CA ILE A 469 33.40 10.25 -25.78
C ILE A 469 34.57 10.40 -26.75
N MET A 470 34.63 9.56 -27.78
CA MET A 470 35.82 9.57 -28.62
C MET A 470 35.90 10.84 -29.45
N ASP A 471 34.76 11.43 -29.80
CA ASP A 471 34.81 12.72 -30.49
C ASP A 471 35.47 13.76 -29.63
N ASN A 472 35.10 13.82 -28.34
CA ASN A 472 35.77 14.73 -27.44
C ASN A 472 37.27 14.45 -27.40
N VAL A 473 37.65 13.19 -27.21
CA VAL A 473 39.07 12.86 -27.05
C VAL A 473 39.85 13.21 -28.32
N LYS A 474 39.26 12.96 -29.48
CA LYS A 474 39.89 13.35 -30.73
C LYS A 474 40.11 14.84 -30.77
N TYR A 475 39.14 15.61 -30.31
CA TYR A 475 39.32 17.06 -30.28
C TYR A 475 40.47 17.44 -29.35
N MET A 476 40.55 16.82 -28.17
CA MET A 476 41.65 17.18 -27.28
C MET A 476 43.00 16.82 -27.87
N VAL A 477 43.07 15.68 -28.55
CA VAL A 477 44.36 15.21 -29.14
C VAL A 477 44.73 16.13 -30.31
N LYS A 478 43.73 16.76 -30.94
CA LYS A 478 43.99 17.68 -32.04
C LYS A 478 44.35 19.08 -31.56
N LYS A 479 44.31 19.33 -30.25
CA LYS A 479 44.71 20.61 -29.70
C LYS A 479 46.21 20.82 -29.86
N LYS A 480 46.60 22.04 -30.21
CA LYS A 480 48.01 22.36 -30.45
C LYS A 480 48.61 23.18 -29.31
N ASN A 481 48.00 24.31 -28.99
CA ASN A 481 48.54 25.22 -27.96
C ASN A 481 47.96 24.84 -26.62
N SER A 482 48.56 23.84 -25.98
CA SER A 482 48.16 23.45 -24.64
C SER A 482 49.31 22.73 -23.97
N SER A 483 49.53 23.05 -22.69
CA SER A 483 50.55 22.34 -21.92
C SER A 483 50.11 20.92 -21.59
N THR A 484 48.81 20.72 -21.35
CA THR A 484 48.34 19.41 -20.91
C THR A 484 48.14 18.45 -22.06
N TRP A 485 47.68 18.98 -23.20
CA TRP A 485 47.33 18.07 -24.30
C TRP A 485 48.23 18.26 -25.52
N GLY A 486 48.20 17.28 -26.42
CA GLY A 486 48.96 17.32 -27.64
C GLY A 486 48.78 16.06 -28.46
N PRO A 487 49.82 15.68 -29.22
CA PRO A 487 49.70 14.49 -30.07
C PRO A 487 49.47 13.20 -29.31
N ASP A 488 50.02 13.08 -28.11
CA ASP A 488 49.93 11.87 -27.32
C ASP A 488 48.94 11.99 -26.17
N ALA A 489 48.00 12.93 -26.26
CA ALA A 489 47.15 13.25 -25.12
C ALA A 489 46.32 12.05 -24.67
N TRP A 490 45.98 11.15 -25.60
CA TRP A 490 45.17 9.99 -25.26
C TRP A 490 45.80 9.12 -24.20
N LYS A 491 47.12 9.23 -24.02
CA LYS A 491 47.79 8.41 -23.02
C LYS A 491 47.26 8.71 -21.62
N LYS A 492 46.92 9.97 -21.34
CA LYS A 492 46.53 10.37 -20.00
C LYS A 492 45.04 10.19 -19.73
N ILE A 493 44.37 9.44 -20.61
CA ILE A 493 42.90 9.30 -20.50
C ILE A 493 42.51 7.83 -20.32
N VAL A 494 41.45 7.56 -19.54
CA VAL A 494 40.94 6.22 -19.31
C VAL A 494 39.43 6.30 -19.22
N VAL A 495 38.75 5.33 -19.82
CA VAL A 495 37.30 5.25 -19.77
C VAL A 495 36.90 3.93 -19.14
N CYS A 496 36.31 4.01 -17.95
CA CYS A 496 35.87 2.84 -17.21
C CYS A 496 34.38 2.65 -17.42
N ILE A 497 33.99 1.46 -17.88
CA ILE A 497 32.61 1.17 -18.21
C ILE A 497 32.13 0.10 -17.23
N ILE A 498 31.41 0.53 -16.20
CA ILE A 498 30.90 -0.39 -15.18
C ILE A 498 29.49 -0.80 -15.59
N SER A 499 29.28 -2.09 -15.79
CA SER A 499 27.94 -2.62 -15.94
C SER A 499 27.56 -3.50 -14.77
N ASP A 500 26.27 -3.52 -14.45
CA ASP A 500 25.76 -4.17 -13.25
C ASP A 500 25.08 -5.47 -13.66
N GLY A 501 25.71 -6.59 -13.32
CA GLY A 501 25.08 -7.90 -13.45
C GLY A 501 25.21 -8.49 -14.84
N ARG A 502 25.76 -9.70 -14.93
CA ARG A 502 25.88 -10.34 -16.24
C ARG A 502 24.52 -10.74 -16.77
N SER A 503 23.59 -11.09 -15.89
CA SER A 503 22.29 -11.57 -16.34
C SER A 503 21.47 -10.47 -17.00
N LYS A 504 21.47 -9.28 -16.41
CA LYS A 504 20.57 -8.22 -16.85
C LYS A 504 21.12 -7.42 -18.01
N ILE A 505 22.45 -7.36 -18.17
CA ILE A 505 23.02 -6.58 -19.25
C ILE A 505 22.54 -7.13 -20.58
N ASN A 506 22.31 -6.23 -21.52
CA ASN A 506 21.77 -6.61 -22.81
C ASN A 506 22.92 -7.06 -23.71
N GLU A 507 22.92 -8.34 -24.07
CA GLU A 507 23.91 -8.85 -25.01
C GLU A 507 23.87 -8.12 -26.33
N ARG A 508 22.73 -7.52 -26.66
CA ARG A 508 22.64 -6.65 -27.83
C ARG A 508 23.69 -5.56 -27.77
N SER A 509 24.03 -5.11 -26.56
CA SER A 509 25.13 -4.18 -26.37
C SER A 509 26.49 -4.88 -26.32
N LEU A 510 26.52 -6.13 -25.83
CA LEU A 510 27.76 -6.88 -25.80
C LEU A 510 28.31 -7.10 -27.19
N ALA A 511 27.42 -7.24 -28.16
CA ALA A 511 27.86 -7.41 -29.55
C ALA A 511 28.71 -6.25 -29.99
N LEU A 512 28.27 -5.03 -29.71
CA LEU A 512 29.07 -3.86 -30.02
C LEU A 512 30.36 -3.85 -29.23
N LEU A 513 30.27 -4.14 -27.92
CA LEU A 513 31.48 -4.09 -27.09
C LEU A 513 32.55 -5.03 -27.62
N SER A 514 32.19 -6.29 -27.85
CA SER A 514 33.15 -7.23 -28.41
C SER A 514 33.56 -6.83 -29.81
N SER A 515 32.66 -6.19 -30.57
CA SER A 515 33.04 -5.66 -31.87
C SER A 515 34.23 -4.72 -31.74
N LEU A 516 34.35 -4.04 -30.61
CA LEU A 516 35.47 -3.16 -30.35
C LEU A 516 36.69 -3.90 -29.81
N GLY A 517 36.58 -5.20 -29.56
CA GLY A 517 37.64 -5.88 -28.83
C GLY A 517 37.66 -5.56 -27.35
N CYS A 518 36.55 -5.03 -26.83
CA CYS A 518 36.40 -4.73 -25.42
C CYS A 518 36.12 -5.96 -24.58
N TYR A 519 35.58 -7.02 -25.19
CA TYR A 519 35.08 -8.14 -24.43
C TYR A 519 35.23 -9.40 -25.25
N GLN A 520 35.65 -10.47 -24.60
CA GLN A 520 35.62 -11.80 -25.17
C GLN A 520 35.05 -12.74 -24.12
N ASP A 521 34.22 -13.66 -24.55
CA ASP A 521 33.55 -14.56 -23.63
C ASP A 521 34.38 -15.83 -23.37
N GLY A 522 33.98 -16.56 -22.33
CA GLY A 522 34.51 -17.89 -22.09
C GLY A 522 35.41 -18.00 -20.88
N PHE A 523 36.32 -17.04 -20.71
CA PHE A 523 37.30 -17.09 -19.59
C PHE A 523 36.68 -16.45 -18.34
N ALA A 524 35.51 -16.92 -17.90
CA ALA A 524 34.84 -16.25 -16.76
C ALA A 524 34.32 -17.26 -15.73
N LYS A 525 35.19 -18.12 -15.20
CA LYS A 525 34.75 -19.06 -14.13
C LYS A 525 34.03 -18.24 -13.05
N ASP A 526 32.80 -18.63 -12.69
CA ASP A 526 32.01 -17.83 -11.71
C ASP A 526 32.81 -17.70 -10.42
N GLU A 527 33.54 -18.75 -10.04
CA GLU A 527 34.37 -18.71 -8.81
C GLU A 527 35.72 -19.38 -9.10
N ILE A 528 36.75 -19.06 -8.32
CA ILE A 528 38.11 -19.68 -8.51
C ILE A 528 38.69 -19.99 -7.13
N ASN A 529 39.31 -21.16 -6.97
CA ASN A 529 39.88 -21.57 -5.66
C ASN A 529 38.79 -21.46 -4.60
N GLU A 530 37.58 -21.92 -4.90
CA GLU A 530 36.45 -21.86 -3.94
C GLU A 530 36.19 -20.40 -3.55
N LYS A 531 36.46 -19.47 -4.46
CA LYS A 531 36.21 -18.02 -4.19
C LYS A 531 35.54 -17.40 -5.42
N LYS A 532 34.30 -16.94 -5.27
CA LYS A 532 33.55 -16.33 -6.40
C LYS A 532 34.22 -15.00 -6.79
N VAL A 533 34.16 -14.64 -8.08
CA VAL A 533 34.77 -13.37 -8.56
C VAL A 533 33.75 -12.24 -8.37
N ALA A 534 33.96 -11.38 -7.37
CA ALA A 534 33.04 -10.25 -7.12
C ALA A 534 32.59 -9.66 -8.45
N MET A 535 33.52 -9.46 -9.39
CA MET A 535 33.19 -8.87 -10.72
C MET A 535 34.29 -9.23 -11.72
N HIS A 536 33.98 -9.11 -13.02
CA HIS A 536 34.98 -9.39 -14.08
C HIS A 536 35.46 -8.06 -14.67
N VAL A 537 36.70 -8.03 -15.19
CA VAL A 537 37.28 -6.76 -15.74
C VAL A 537 37.97 -7.08 -17.07
N TYR A 538 37.72 -6.26 -18.09
CA TYR A 538 38.33 -6.48 -19.43
C TYR A 538 39.22 -5.28 -19.78
N GLU A 539 40.51 -5.53 -20.04
CA GLU A 539 41.46 -4.41 -20.28
C GLU A 539 41.89 -4.38 -21.74
N HIS A 540 41.74 -3.23 -22.40
CA HIS A 540 42.16 -3.05 -23.79
C HIS A 540 42.28 -1.58 -24.09
N THR A 541 43.04 -1.28 -25.14
CA THR A 541 43.11 0.05 -25.71
C THR A 541 42.84 -0.08 -27.19
N THR A 542 41.70 0.42 -27.64
CA THR A 542 41.25 0.25 -29.01
C THR A 542 41.77 1.37 -29.90
N MET A 543 41.89 1.05 -31.18
CA MET A 543 42.31 2.00 -32.20
C MET A 543 41.20 2.33 -33.19
N ILE A 544 40.17 1.48 -33.27
CA ILE A 544 39.04 1.70 -34.16
C ILE A 544 38.10 2.69 -33.50
N ASN A 545 37.29 3.36 -34.30
CA ASN A 545 36.33 4.34 -33.80
C ASN A 545 35.06 4.26 -34.62
N ILE A 546 33.92 4.58 -34.00
CA ILE A 546 32.67 4.59 -34.75
C ILE A 546 32.52 5.97 -35.38
N THR A 547 31.97 6.00 -36.59
CA THR A 547 31.81 7.26 -37.32
C THR A 547 30.35 7.67 -37.51
N ASN A 548 29.41 6.74 -37.43
CA ASN A 548 28.02 7.08 -37.65
C ASN A 548 27.15 6.12 -36.85
N ILE A 549 26.01 6.64 -36.40
CA ILE A 549 25.06 5.87 -35.60
C ILE A 549 23.70 6.04 -36.27
N SER A 550 23.28 5.04 -37.02
CA SER A 550 21.95 5.09 -37.61
C SER A 550 20.92 4.63 -36.60
N GLU A 551 19.65 4.64 -37.00
CA GLU A 551 18.56 4.29 -36.09
C GLU A 551 18.66 2.85 -35.60
N SER A 552 19.26 1.97 -36.40
CA SER A 552 19.41 0.58 -36.02
C SER A 552 20.80 0.03 -36.29
N GLU A 553 21.68 0.80 -36.93
CA GLU A 553 23.00 0.35 -37.30
C GLU A 553 24.04 1.35 -36.82
N VAL A 554 25.19 0.83 -36.43
CA VAL A 554 26.32 1.64 -35.97
C VAL A 554 27.51 1.32 -36.86
N SER A 555 28.22 2.36 -37.30
CA SER A 555 29.29 2.23 -38.28
C SER A 555 30.64 2.29 -37.56
N LEU A 556 31.38 1.20 -37.60
CA LEU A 556 32.70 1.10 -36.97
C LEU A 556 33.77 1.12 -38.05
N GLU A 557 34.68 2.09 -37.98
CA GLU A 557 35.74 2.24 -38.95
C GLU A 557 37.07 2.46 -38.25
N CYS A 558 38.13 1.93 -38.85
CA CYS A 558 39.49 2.09 -38.34
C CYS A 558 40.36 2.63 -39.46
N ASN A 559 40.71 3.91 -39.38
CA ASN A 559 41.53 4.56 -40.38
C ASN A 559 42.63 5.34 -39.68
N GLN A 560 43.43 6.07 -40.47
CA GLN A 560 44.48 6.89 -39.90
C GLN A 560 43.93 8.07 -39.10
N GLY A 561 42.65 8.37 -39.23
CA GLY A 561 42.05 9.43 -38.45
C GLY A 561 41.50 9.03 -37.11
N THR A 562 41.24 7.74 -36.90
CA THR A 562 40.75 7.29 -35.60
C THR A 562 41.86 7.35 -34.57
N VAL A 563 41.47 7.43 -33.30
CA VAL A 563 42.41 7.71 -32.23
C VAL A 563 42.30 6.65 -31.14
N PRO A 564 43.37 6.36 -30.40
CA PRO A 564 43.30 5.30 -29.39
C PRO A 564 42.45 5.71 -28.20
N ILE A 565 41.83 4.71 -27.58
CA ILE A 565 41.02 4.91 -26.38
C ILE A 565 41.38 3.80 -25.39
N GLN A 566 41.73 4.18 -24.16
CA GLN A 566 42.08 3.20 -23.13
C GLN A 566 40.80 2.82 -22.39
N LEU A 567 40.16 1.75 -22.84
CA LEU A 567 38.92 1.32 -22.20
C LEU A 567 39.22 0.39 -21.04
N LEU A 568 38.22 0.22 -20.19
CA LEU A 568 38.35 -0.70 -19.05
C LEU A 568 36.94 -1.14 -18.67
N PHE A 569 36.55 -2.31 -19.13
CA PHE A 569 35.18 -2.80 -19.02
C PHE A 569 35.07 -3.60 -17.73
N CYS A 570 34.41 -3.02 -16.73
CA CYS A 570 34.06 -3.77 -15.54
C CYS A 570 32.66 -4.34 -15.68
N LEU A 571 32.48 -5.57 -15.21
CA LEU A 571 31.17 -6.21 -15.19
C LEU A 571 30.98 -6.85 -13.83
N LYS A 572 30.03 -6.34 -13.07
CA LYS A 572 29.54 -7.03 -11.89
C LYS A 572 28.63 -8.17 -12.33
N GLU A 573 28.14 -8.95 -11.37
CA GLU A 573 27.33 -10.12 -11.69
C GLU A 573 25.96 -10.13 -11.04
N GLN A 574 25.57 -9.06 -10.36
CA GLN A 574 24.34 -9.09 -9.60
C GLN A 574 23.74 -7.69 -9.56
N ASN A 575 22.45 -7.63 -9.23
CA ASN A 575 21.81 -6.35 -8.96
C ASN A 575 22.48 -5.65 -7.79
N GLN A 576 23.17 -4.55 -8.07
CA GLN A 576 23.67 -3.66 -7.06
C GLN A 576 23.17 -2.26 -7.38
N LYS A 577 22.44 -1.67 -6.45
CA LYS A 577 21.99 -0.31 -6.63
C LYS A 577 23.20 0.62 -6.80
N LYS A 578 23.12 1.53 -7.77
CA LYS A 578 24.26 2.26 -8.30
C LYS A 578 25.20 2.81 -7.24
N ILE A 579 24.71 3.04 -6.03
CA ILE A 579 25.61 3.42 -4.94
C ILE A 579 26.78 2.47 -4.83
N ASN A 580 26.61 1.23 -5.31
CA ASN A 580 27.73 0.25 -5.28
C ASN A 580 28.67 0.51 -6.45
N SER A 581 28.12 0.70 -7.66
CA SER A 581 28.96 0.90 -8.84
C SER A 581 29.96 2.03 -8.60
N HIS A 582 29.46 3.16 -8.15
CA HIS A 582 30.33 4.30 -7.93
C HIS A 582 31.42 3.99 -6.91
N ARG A 583 31.10 3.15 -5.91
CA ARG A 583 32.12 2.74 -4.96
C ARG A 583 33.32 2.16 -5.68
N TRP A 584 33.06 1.18 -6.54
CA TRP A 584 34.15 0.57 -7.29
C TRP A 584 34.88 1.61 -8.12
N ALA A 585 34.15 2.59 -8.62
CA ALA A 585 34.79 3.66 -9.39
C ALA A 585 35.72 4.49 -8.52
N PHE A 586 35.28 4.86 -7.32
CA PHE A 586 36.01 5.83 -6.53
C PHE A 586 36.98 5.17 -5.55
N GLU A 587 36.47 4.39 -4.61
CA GLU A 587 37.34 3.77 -3.63
C GLU A 587 38.17 2.65 -4.21
N GLY A 588 37.88 2.24 -5.44
CA GLY A 588 38.63 1.19 -6.09
C GLY A 588 39.63 1.75 -7.07
N PHE A 589 39.25 1.76 -8.35
CA PHE A 589 40.19 2.10 -9.41
C PHE A 589 40.79 3.49 -9.20
N ALA A 590 39.94 4.46 -8.83
CA ALA A 590 40.43 5.82 -8.67
C ALA A 590 41.50 5.91 -7.60
N GLU A 591 41.47 5.03 -6.61
CA GLU A 591 42.56 4.99 -5.65
C GLU A 591 43.85 4.50 -6.28
N LEU A 592 43.76 3.53 -7.19
CA LEU A 592 44.95 3.06 -7.88
C LEU A 592 45.50 4.13 -8.81
N LEU A 593 44.73 4.49 -9.83
CA LEU A 593 45.24 5.38 -10.86
C LEU A 593 45.53 6.77 -10.30
N ARG A 594 44.80 7.18 -9.28
CA ARG A 594 44.90 8.52 -8.74
C ARG A 594 44.82 9.58 -9.82
N PRO A 595 43.73 9.63 -10.59
CA PRO A 595 43.60 10.69 -11.58
C PRO A 595 43.30 12.01 -10.91
N ASN A 596 43.64 13.09 -11.59
CA ASN A 596 43.25 14.40 -11.09
C ASN A 596 41.75 14.57 -11.14
N ILE A 597 41.12 14.18 -12.26
CA ILE A 597 39.74 14.52 -12.56
C ILE A 597 38.98 13.24 -12.91
N VAL A 598 37.81 13.07 -12.32
CA VAL A 598 36.93 11.95 -12.63
C VAL A 598 35.57 12.50 -13.05
N THR A 599 35.08 12.04 -14.19
CA THR A 599 33.84 12.54 -14.74
C THR A 599 32.83 11.40 -14.86
N LEU A 600 31.61 11.65 -14.40
CA LEU A 600 30.54 10.67 -14.39
C LEU A 600 29.56 10.99 -15.50
N LEU A 601 29.26 9.99 -16.31
CA LEU A 601 28.20 10.06 -17.31
C LEU A 601 27.11 9.08 -16.94
N ASP A 602 26.11 9.00 -17.79
CA ASP A 602 25.14 7.92 -17.78
C ASP A 602 24.99 7.41 -19.19
N ALA A 603 24.87 6.09 -19.34
CA ALA A 603 24.75 5.53 -20.67
C ALA A 603 23.56 6.12 -21.39
N GLY A 604 23.72 6.38 -22.68
CA GLY A 604 22.69 7.05 -23.43
C GLY A 604 22.75 8.55 -23.38
N THR A 605 23.77 9.12 -22.76
CA THR A 605 23.94 10.56 -22.70
C THR A 605 25.12 10.96 -23.60
N MET A 606 24.82 11.67 -24.68
CA MET A 606 25.91 12.04 -25.61
C MET A 606 26.49 13.40 -25.20
N PRO A 607 27.73 13.47 -24.67
CA PRO A 607 28.36 14.76 -24.42
C PRO A 607 28.48 15.53 -25.71
N GLY A 608 28.53 16.85 -25.59
CA GLY A 608 28.78 17.66 -26.75
C GLY A 608 30.17 17.44 -27.28
N LYS A 609 30.33 17.66 -28.59
CA LYS A 609 31.56 17.31 -29.27
C LYS A 609 32.78 17.95 -28.63
N ASP A 610 32.58 19.11 -28.00
CA ASP A 610 33.64 19.74 -27.22
C ASP A 610 33.19 19.99 -25.79
N SER A 611 32.11 19.35 -25.35
CA SER A 611 31.63 19.56 -23.99
C SER A 611 32.69 19.19 -22.98
N ILE A 612 33.36 18.06 -23.18
CA ILE A 612 34.32 17.58 -22.20
C ILE A 612 35.46 18.57 -22.02
N TYR A 613 36.03 19.05 -23.13
CA TYR A 613 37.13 19.98 -23.02
C TYR A 613 36.68 21.26 -22.33
N GLN A 614 35.50 21.76 -22.70
CA GLN A 614 34.97 22.95 -22.06
C GLN A 614 34.86 22.75 -20.56
N LEU A 615 34.31 21.61 -20.15
CA LEU A 615 34.17 21.35 -18.72
C LEU A 615 35.53 21.23 -18.06
N TRP A 616 36.49 20.62 -18.74
CA TRP A 616 37.81 20.44 -18.17
C TRP A 616 38.50 21.77 -17.92
N ARG A 617 38.30 22.73 -18.83
CA ARG A 617 38.98 24.01 -18.69
C ARG A 617 38.67 24.67 -17.36
N GLU A 618 37.51 24.35 -16.78
CA GLU A 618 37.13 24.95 -15.51
C GLU A 618 38.11 24.61 -14.39
N PHE A 619 38.66 23.41 -14.39
CA PHE A 619 39.53 22.98 -13.31
C PHE A 619 40.92 23.57 -13.39
N ARG A 620 41.11 24.61 -14.21
CA ARG A 620 42.29 25.43 -14.05
C ARG A 620 42.27 26.13 -12.69
N ASN A 621 41.09 26.56 -12.26
CA ASN A 621 40.95 27.27 -11.01
C ASN A 621 41.11 26.27 -9.86
N PRO A 622 42.10 26.42 -8.99
CA PRO A 622 42.36 25.36 -7.98
C PRO A 622 41.22 25.10 -7.02
N ASN A 623 40.49 26.13 -6.59
CA ASN A 623 39.45 25.90 -5.59
C ASN A 623 38.30 25.03 -6.10
N VAL A 624 38.18 24.86 -7.41
CA VAL A 624 37.03 24.16 -7.94
C VAL A 624 37.11 22.69 -7.59
N GLY A 625 36.03 22.15 -7.02
CA GLY A 625 36.00 20.76 -6.62
C GLY A 625 34.97 19.97 -7.40
N GLY A 626 33.87 20.60 -7.76
CA GLY A 626 32.83 19.93 -8.53
C GLY A 626 32.27 20.84 -9.58
N ALA A 627 31.86 20.25 -10.70
CA ALA A 627 31.28 21.03 -11.78
C ALA A 627 30.38 20.15 -12.63
N CYS A 628 29.49 20.80 -13.40
CA CYS A 628 28.65 20.10 -14.37
C CYS A 628 28.40 21.01 -15.55
N GLY A 629 27.58 20.50 -16.47
CA GLY A 629 27.17 21.25 -17.64
C GLY A 629 25.66 21.22 -17.78
N GLU A 630 25.21 21.80 -18.88
CA GLU A 630 23.79 21.79 -19.20
C GLU A 630 23.37 20.39 -19.63
N ILE A 631 22.09 20.09 -19.47
CA ILE A 631 21.50 18.85 -19.96
C ILE A 631 20.34 19.19 -20.89
N ARG A 632 20.41 18.66 -22.10
CA ARG A 632 19.44 18.96 -23.15
C ARG A 632 18.69 17.69 -23.52
N THR A 633 17.36 17.78 -23.53
CA THR A 633 16.57 16.69 -24.03
C THR A 633 16.90 16.51 -25.51
N ASP A 634 17.20 15.28 -25.92
CA ASP A 634 17.43 15.03 -27.33
C ASP A 634 16.11 15.08 -28.07
N LEU A 635 16.12 15.60 -29.28
CA LEU A 635 14.91 15.70 -30.08
C LEU A 635 14.91 14.79 -31.30
N GLY A 636 15.93 13.95 -31.44
CA GLY A 636 15.94 13.00 -32.54
C GLY A 636 16.02 13.71 -33.88
N LYS A 637 15.46 13.03 -34.88
CA LYS A 637 15.52 13.56 -36.24
C LYS A 637 14.52 14.69 -36.41
N ARG A 638 15.01 15.85 -36.82
CA ARG A 638 14.17 16.99 -37.21
C ARG A 638 13.18 17.36 -36.11
N PHE A 639 13.64 17.30 -34.86
CA PHE A 639 12.84 17.65 -33.70
C PHE A 639 11.51 16.92 -33.68
N VAL A 640 11.44 15.75 -34.31
CA VAL A 640 10.17 15.07 -34.48
C VAL A 640 9.53 14.74 -33.15
N LYS A 641 10.31 14.71 -32.06
CA LYS A 641 9.75 14.39 -30.77
C LYS A 641 8.95 15.54 -30.15
N LEU A 642 9.26 16.80 -30.49
CA LEU A 642 8.59 17.90 -29.81
C LEU A 642 7.08 17.86 -29.95
N LEU A 643 6.57 17.26 -31.02
CA LEU A 643 5.13 17.21 -31.19
C LEU A 643 4.45 16.52 -30.02
N ASN A 644 5.09 15.50 -29.45
CA ASN A 644 4.61 14.94 -28.21
C ASN A 644 4.60 16.00 -27.13
N PRO A 645 3.54 16.12 -26.33
CA PRO A 645 3.50 17.14 -25.29
C PRO A 645 4.21 16.73 -24.02
N LEU A 646 4.63 15.46 -23.90
CA LEU A 646 5.34 15.04 -22.70
C LEU A 646 6.85 15.14 -22.83
N VAL A 647 7.39 14.91 -24.02
CA VAL A 647 8.80 15.21 -24.23
C VAL A 647 9.03 16.71 -24.25
N ALA A 648 8.13 17.44 -24.91
CA ALA A 648 8.32 18.88 -25.02
C ALA A 648 8.31 19.55 -23.66
N SER A 649 7.40 19.14 -22.80
CA SER A 649 7.32 19.79 -21.49
C SER A 649 8.59 19.58 -20.70
N GLN A 650 9.15 18.38 -20.73
CA GLN A 650 10.41 18.16 -20.02
C GLN A 650 11.55 18.95 -20.65
N ASN A 651 11.55 19.10 -21.97
CA ASN A 651 12.56 19.95 -22.59
C ASN A 651 12.51 21.34 -22.00
N PHE A 652 11.32 21.93 -21.94
CA PHE A 652 11.21 23.27 -21.41
C PHE A 652 11.66 23.32 -19.96
N GLU A 653 11.27 22.32 -19.17
CA GLU A 653 11.65 22.35 -17.76
C GLU A 653 13.15 22.26 -17.60
N TYR A 654 13.78 21.33 -18.31
CA TYR A 654 15.24 21.27 -18.30
C TYR A 654 15.82 22.63 -18.60
N LYS A 655 15.28 23.29 -19.62
CA LYS A 655 15.94 24.47 -20.13
C LYS A 655 15.84 25.61 -19.13
N MET A 656 14.64 25.84 -18.57
CA MET A 656 14.53 26.83 -17.50
C MET A 656 15.38 26.49 -16.30
N SER A 657 15.41 25.21 -15.90
CA SER A 657 16.21 24.87 -14.74
C SER A 657 17.68 25.20 -14.97
N ASN A 658 18.22 24.77 -16.11
CA ASN A 658 19.63 25.04 -16.39
C ASN A 658 19.90 26.51 -16.55
N ILE A 659 18.97 27.26 -17.14
CA ILE A 659 19.21 28.70 -17.29
C ILE A 659 19.19 29.40 -15.94
N LEU A 660 18.17 29.14 -15.13
CA LEU A 660 18.00 29.95 -13.94
C LEU A 660 18.73 29.38 -12.75
N ASP A 661 18.38 28.17 -12.32
CA ASP A 661 18.82 27.71 -11.02
C ASP A 661 20.30 27.42 -11.00
N LYS A 662 20.82 26.80 -12.05
CA LYS A 662 22.25 26.52 -12.09
C LYS A 662 23.06 27.80 -11.99
N THR A 663 22.71 28.81 -12.81
CA THR A 663 23.49 30.03 -12.79
C THR A 663 23.38 30.74 -11.45
N THR A 664 22.16 30.87 -10.91
CA THR A 664 22.00 31.57 -9.64
C THR A 664 22.77 30.88 -8.54
N GLU A 665 22.66 29.55 -8.46
CA GLU A 665 23.33 28.84 -7.38
C GLU A 665 24.84 28.86 -7.56
N SER A 666 25.33 28.65 -8.78
CA SER A 666 26.75 28.66 -8.99
C SER A 666 27.36 30.04 -8.79
N ASN A 667 26.53 31.08 -8.79
CA ASN A 667 27.01 32.40 -8.37
C ASN A 667 27.56 32.32 -6.96
N PHE A 668 26.80 31.74 -6.04
CA PHE A 668 27.23 31.68 -4.65
C PHE A 668 28.34 30.65 -4.46
N GLY A 669 28.19 29.48 -5.05
CA GLY A 669 29.24 28.49 -4.93
C GLY A 669 28.73 27.08 -4.73
N PHE A 670 27.48 26.94 -4.29
CA PHE A 670 26.89 25.64 -4.02
C PHE A 670 25.85 25.33 -5.09
N ILE A 671 26.00 24.18 -5.74
CA ILE A 671 25.06 23.73 -6.76
C ILE A 671 24.37 22.49 -6.22
N THR A 672 23.04 22.53 -6.18
CA THR A 672 22.31 21.59 -5.34
C THR A 672 22.50 20.14 -5.78
N VAL A 673 22.38 19.87 -7.07
CA VAL A 673 22.44 18.51 -7.58
C VAL A 673 23.25 18.51 -8.85
N LEU A 674 24.44 17.95 -8.79
CA LEU A 674 25.19 17.78 -10.01
C LEU A 674 24.46 16.73 -10.83
N PRO A 675 24.01 17.04 -12.04
CA PRO A 675 23.27 16.05 -12.83
C PRO A 675 24.09 14.78 -13.01
N GLY A 676 23.59 13.69 -12.47
CA GLY A 676 24.25 12.41 -12.63
C GLY A 676 24.39 12.00 -14.08
N ALA A 677 23.63 12.64 -14.97
CA ALA A 677 23.85 12.46 -16.39
C ALA A 677 25.24 12.92 -16.79
N PHE A 678 25.71 14.03 -16.22
CA PHE A 678 27.02 14.55 -16.62
C PHE A 678 27.56 15.43 -15.50
N SER A 679 28.66 15.01 -14.88
CA SER A 679 29.26 15.79 -13.81
C SER A 679 30.74 15.44 -13.71
N ALA A 680 31.48 16.24 -12.95
CA ALA A 680 32.90 16.03 -12.84
C ALA A 680 33.41 16.48 -11.47
N TYR A 681 34.32 15.69 -10.92
CA TYR A 681 34.84 15.89 -9.58
C TYR A 681 36.36 15.89 -9.59
N ARG A 682 36.94 16.90 -8.97
CA ARG A 682 38.35 16.91 -8.62
C ARG A 682 38.60 15.83 -7.59
N PHE A 683 39.38 14.80 -7.96
CA PHE A 683 39.46 13.62 -7.11
C PHE A 683 39.97 13.96 -5.71
N GLU A 684 41.07 14.70 -5.64
CA GLU A 684 41.68 14.99 -4.31
C GLU A 684 40.65 15.57 -3.36
N ALA A 685 39.78 16.47 -3.85
CA ALA A 685 38.84 17.14 -2.96
C ALA A 685 37.86 16.14 -2.34
N VAL A 686 37.31 15.23 -3.14
CA VAL A 686 36.29 14.31 -2.65
C VAL A 686 36.86 13.15 -1.82
N ARG A 687 38.18 13.10 -1.63
CA ARG A 687 38.75 12.01 -0.86
C ARG A 687 38.55 12.21 0.64
N GLY A 688 38.35 11.09 1.34
CA GLY A 688 38.27 11.11 2.79
C GLY A 688 36.86 11.09 3.33
N GLN A 689 36.47 12.19 3.97
CA GLN A 689 35.11 12.32 4.48
C GLN A 689 34.03 12.19 3.41
N PRO A 690 34.15 12.79 2.23
CA PRO A 690 32.99 12.78 1.31
C PRO A 690 32.54 11.39 0.94
N LEU A 691 33.45 10.55 0.47
CA LEU A 691 33.09 9.21 0.06
C LEU A 691 32.57 8.40 1.24
N GLN A 692 33.14 8.63 2.42
CA GLN A 692 32.69 7.91 3.61
C GLN A 692 31.23 8.18 3.88
N LYS A 693 30.85 9.44 3.97
CA LYS A 693 29.44 9.72 4.21
C LYS A 693 28.60 9.39 3.00
N TYR A 694 29.20 9.28 1.82
CA TYR A 694 28.43 8.92 0.63
C TYR A 694 28.11 7.43 0.59
N PHE A 695 28.96 6.60 1.17
CA PHE A 695 28.82 5.16 1.02
C PHE A 695 28.28 4.47 2.26
N TYR A 696 28.62 4.97 3.45
CA TYR A 696 28.34 4.25 4.68
C TYR A 696 27.39 4.98 5.62
N GLY A 697 26.91 6.15 5.25
CA GLY A 697 26.00 6.89 6.11
C GLY A 697 26.72 7.51 7.28
N PHE A 705 17.34 3.10 15.21
CA PHE A 705 17.39 3.89 13.98
C PHE A 705 17.20 5.37 14.31
N HIS A 706 18.01 6.20 13.69
CA HIS A 706 17.82 7.64 13.74
C HIS A 706 17.59 8.17 12.33
N PHE A 707 16.79 9.24 12.27
CA PHE A 707 16.21 9.74 11.04
C PHE A 707 17.25 9.99 9.94
N PHE A 708 18.16 10.94 10.19
CA PHE A 708 19.12 11.33 9.16
C PHE A 708 20.02 10.16 8.77
N SER A 709 20.59 9.49 9.77
CA SER A 709 21.57 8.45 9.50
C SER A 709 20.97 7.31 8.69
N SER A 710 19.73 6.96 8.96
CA SER A 710 19.11 5.83 8.29
C SER A 710 18.26 6.24 7.10
N ASN A 711 18.22 7.51 6.75
CA ASN A 711 17.44 7.95 5.60
C ASN A 711 18.26 8.61 4.51
N MET A 712 19.46 9.09 4.80
CA MET A 712 20.17 9.89 3.81
C MET A 712 20.42 9.17 2.50
N TYR A 713 20.21 7.85 2.43
CA TYR A 713 20.55 7.17 1.18
C TYR A 713 19.65 7.58 0.04
N LEU A 714 18.53 8.26 0.33
CA LEU A 714 17.63 8.72 -0.71
C LEU A 714 18.10 10.01 -1.35
N ALA A 715 19.12 10.65 -0.79
CA ALA A 715 19.70 11.86 -1.34
C ALA A 715 21.10 11.55 -1.83
N GLU A 716 21.24 10.38 -2.44
CA GLU A 716 22.53 9.74 -2.67
C GLU A 716 23.59 10.70 -3.21
N ASP A 717 23.35 11.28 -4.38
CA ASP A 717 24.39 12.10 -4.99
C ASP A 717 24.53 13.45 -4.30
N ARG A 718 23.42 14.05 -3.88
CA ARG A 718 23.47 15.43 -3.43
C ARG A 718 24.20 15.60 -2.11
N ILE A 719 24.42 14.51 -1.38
CA ILE A 719 25.16 14.57 -0.08
C ILE A 719 26.59 15.01 -0.37
N LEU A 720 27.24 14.36 -1.33
CA LEU A 720 28.62 14.68 -1.68
C LEU A 720 28.76 16.17 -1.88
N CYS A 721 27.88 16.70 -2.75
CA CYS A 721 27.80 18.14 -2.96
C CYS A 721 27.95 18.89 -1.65
N PHE A 722 27.02 18.65 -0.72
CA PHE A 722 27.02 19.39 0.53
C PHE A 722 28.37 19.30 1.21
N GLU A 723 28.86 18.08 1.40
CA GLU A 723 30.03 17.95 2.23
C GLU A 723 31.25 18.60 1.58
N VAL A 724 31.34 18.54 0.24
CA VAL A 724 32.51 19.09 -0.42
C VAL A 724 32.58 20.59 -0.22
N VAL A 725 31.42 21.25 -0.13
CA VAL A 725 31.42 22.67 0.16
C VAL A 725 31.85 22.91 1.59
N THR A 726 31.42 22.05 2.51
CA THR A 726 31.57 22.27 3.93
C THR A 726 32.78 21.58 4.53
N LYS A 727 33.75 21.18 3.70
CA LYS A 727 34.88 20.44 4.23
C LYS A 727 35.72 21.30 5.14
N LYS A 728 36.03 20.76 6.32
CA LYS A 728 36.75 21.51 7.34
C LYS A 728 38.11 21.93 6.83
N ASN A 729 38.50 23.17 7.15
CA ASN A 729 39.82 23.68 6.83
C ASN A 729 40.07 23.66 5.32
N CYS A 730 39.00 23.53 4.55
CA CYS A 730 39.11 23.42 3.11
C CYS A 730 38.07 24.31 2.48
N ASN A 731 38.41 24.87 1.33
CA ASN A 731 37.61 25.91 0.71
C ASN A 731 37.17 25.50 -0.70
N TRP A 732 36.75 24.25 -0.87
CA TRP A 732 36.28 23.83 -2.18
C TRP A 732 34.95 24.49 -2.52
N ILE A 733 34.75 24.74 -3.80
CA ILE A 733 33.53 25.37 -4.33
C ILE A 733 33.04 24.56 -5.51
N LEU A 734 31.83 24.85 -5.94
CA LEU A 734 31.22 24.20 -7.09
C LEU A 734 30.83 25.23 -8.14
N LYS A 735 30.91 24.83 -9.41
CA LYS A 735 30.74 25.75 -10.52
C LYS A 735 29.90 25.09 -11.61
N TYR A 736 29.11 25.90 -12.30
CA TYR A 736 28.28 25.44 -13.40
C TYR A 736 28.79 26.07 -14.69
N CYS A 737 29.43 25.27 -15.53
CA CYS A 737 30.07 25.77 -16.75
C CYS A 737 29.10 25.69 -17.90
N ARG A 738 28.57 26.83 -18.30
CA ARG A 738 27.55 26.87 -19.33
C ARG A 738 28.05 26.40 -20.69
N SER A 739 29.36 26.35 -20.89
CA SER A 739 29.90 26.05 -22.20
C SER A 739 29.97 24.57 -22.50
N SER A 740 29.52 23.72 -21.58
CA SER A 740 29.52 22.28 -21.79
C SER A 740 28.12 21.75 -21.59
N TYR A 741 27.71 20.82 -22.44
CA TYR A 741 26.35 20.30 -22.41
C TYR A 741 26.37 18.81 -22.74
N ALA A 742 25.31 18.14 -22.34
CA ALA A 742 25.12 16.74 -22.66
C ALA A 742 23.66 16.53 -23.05
N SER A 743 23.45 15.75 -24.11
CA SER A 743 22.11 15.55 -24.67
C SER A 743 21.64 14.15 -24.34
N THR A 744 20.50 14.07 -23.65
CA THR A 744 19.92 12.80 -23.25
C THR A 744 18.44 12.75 -23.60
N ASP A 745 17.83 11.61 -23.31
CA ASP A 745 16.43 11.35 -23.61
C ASP A 745 15.60 11.35 -22.34
N VAL A 746 14.29 11.49 -22.52
CA VAL A 746 13.36 11.56 -21.41
C VAL A 746 12.22 10.60 -21.68
N PRO A 747 11.55 10.11 -20.63
CA PRO A 747 10.49 9.13 -20.84
C PRO A 747 9.34 9.69 -21.67
N GLU A 748 8.68 8.79 -22.40
CA GLU A 748 7.60 9.18 -23.28
C GLU A 748 6.21 8.89 -22.73
N ARG A 749 6.03 7.84 -21.95
CA ARG A 749 4.73 7.56 -21.38
C ARG A 749 4.70 8.03 -19.94
N VAL A 750 3.49 8.32 -19.47
CA VAL A 750 3.29 8.85 -18.13
C VAL A 750 3.75 7.89 -17.04
N PRO A 751 3.49 6.58 -17.12
CA PRO A 751 3.94 5.70 -16.03
C PRO A 751 5.42 5.79 -15.71
N GLU A 752 6.31 5.44 -16.64
CA GLU A 752 7.72 5.46 -16.32
C GLU A 752 8.21 6.87 -16.03
N PHE A 753 7.56 7.88 -16.59
CA PHE A 753 7.86 9.25 -16.20
C PHE A 753 7.61 9.47 -14.73
N ILE A 754 6.48 8.99 -14.22
CA ILE A 754 6.20 9.16 -12.80
C ILE A 754 7.19 8.36 -11.97
N LEU A 755 7.49 7.14 -12.39
CA LEU A 755 8.48 6.34 -11.67
C LEU A 755 9.87 6.96 -11.76
N GLN A 756 10.07 7.94 -12.64
CA GLN A 756 11.32 8.68 -12.61
C GLN A 756 11.26 9.80 -11.59
N ARG A 757 10.31 10.72 -11.74
CA ARG A 757 10.27 11.89 -10.87
C ARG A 757 10.07 11.54 -9.41
N ARG A 758 9.52 10.35 -9.15
CA ARG A 758 9.35 9.91 -7.74
C ARG A 758 10.73 9.78 -7.09
N ARG A 759 11.79 9.76 -7.90
CA ARG A 759 13.17 9.62 -7.36
C ARG A 759 13.76 11.01 -7.08
N TRP A 760 13.55 11.96 -7.99
CA TRP A 760 14.16 13.28 -7.81
C TRP A 760 13.47 14.06 -6.72
N LEU A 761 12.14 13.97 -6.62
CA LEU A 761 11.47 14.74 -5.59
C LEU A 761 11.98 14.34 -4.22
N ASN A 762 12.02 13.05 -3.93
CA ASN A 762 12.51 12.61 -2.63
C ASN A 762 13.98 12.96 -2.46
N GLY A 763 14.79 12.76 -3.49
CA GLY A 763 16.20 13.06 -3.37
C GLY A 763 16.44 14.50 -3.00
N SER A 764 15.85 15.41 -3.77
CA SER A 764 16.01 16.83 -3.48
C SER A 764 15.45 17.19 -2.12
N PHE A 765 14.32 16.61 -1.74
CA PHE A 765 13.68 17.00 -0.49
C PHE A 765 14.55 16.60 0.69
N PHE A 766 14.97 15.33 0.73
CA PHE A 766 15.83 14.86 1.81
C PHE A 766 17.18 15.57 1.84
N ALA A 767 17.82 15.79 0.70
CA ALA A 767 19.03 16.58 0.72
C ALA A 767 18.76 17.98 1.26
N SER A 768 17.64 18.58 0.86
CA SER A 768 17.32 19.92 1.34
C SER A 768 17.22 19.96 2.86
N VAL A 769 16.43 19.05 3.42
CA VAL A 769 16.27 19.02 4.87
C VAL A 769 17.60 18.75 5.54
N TYR A 770 18.33 17.76 5.05
CA TYR A 770 19.58 17.37 5.69
C TYR A 770 20.57 18.51 5.67
N SER A 771 20.73 19.15 4.52
CA SER A 771 21.65 20.26 4.43
C SER A 771 21.26 21.36 5.39
N PHE A 772 20.01 21.80 5.32
CA PHE A 772 19.63 22.95 6.13
C PHE A 772 19.72 22.62 7.61
N CYS A 773 19.49 21.36 7.97
CA CYS A 773 19.63 20.97 9.36
C CYS A 773 21.09 21.00 9.80
N HIS A 774 22.02 20.99 8.88
CA HIS A 774 23.44 20.98 9.19
C HIS A 774 24.15 22.14 8.51
N PHE A 775 23.48 23.29 8.43
CA PHE A 775 24.12 24.45 7.82
C PHE A 775 25.28 24.93 8.66
N TYR A 776 25.22 24.75 9.99
CA TYR A 776 26.25 25.34 10.84
C TYR A 776 27.62 24.74 10.58
N ARG A 777 27.67 23.61 9.88
CA ARG A 777 28.95 23.04 9.52
C ARG A 777 29.74 23.92 8.56
N VAL A 778 29.09 24.83 7.86
CA VAL A 778 29.80 25.62 6.86
C VAL A 778 30.86 26.50 7.50
N TRP A 779 30.50 27.16 8.61
CA TRP A 779 31.42 28.13 9.21
C TRP A 779 32.68 27.49 9.73
N SER A 780 32.66 26.19 9.96
CA SER A 780 33.81 25.46 10.44
C SER A 780 34.68 24.93 9.31
N SER A 781 34.36 25.28 8.08
CA SER A 781 35.21 24.94 6.94
C SER A 781 36.31 25.98 6.79
N GLY A 782 37.06 25.91 5.70
CA GLY A 782 38.17 26.81 5.45
C GLY A 782 37.89 28.03 4.60
N HIS A 783 36.63 28.29 4.26
CA HIS A 783 36.34 29.42 3.38
C HIS A 783 36.54 30.75 4.10
N ASN A 784 36.64 31.81 3.31
CA ASN A 784 36.73 33.16 3.84
C ASN A 784 35.36 33.61 4.33
N ILE A 785 35.39 34.66 5.16
CA ILE A 785 34.18 35.09 5.85
C ILE A 785 33.10 35.52 4.86
N GLY A 786 33.49 36.29 3.85
CA GLY A 786 32.52 36.72 2.85
C GLY A 786 31.89 35.55 2.13
N ARG A 787 32.70 34.59 1.72
CA ARG A 787 32.16 33.40 1.05
C ARG A 787 31.24 32.63 1.99
N LYS A 788 31.63 32.53 3.27
CA LYS A 788 30.79 31.83 4.23
C LYS A 788 29.43 32.50 4.36
N LEU A 789 29.42 33.84 4.42
CA LEU A 789 28.15 34.54 4.49
C LEU A 789 27.30 34.27 3.26
N LEU A 790 27.92 34.32 2.08
CA LEU A 790 27.18 34.07 0.85
C LEU A 790 26.59 32.67 0.85
N LEU A 791 27.38 31.68 1.27
CA LEU A 791 26.87 30.33 1.35
C LEU A 791 25.68 30.24 2.29
N THR A 792 25.76 30.94 3.43
CA THR A 792 24.65 30.92 4.36
C THR A 792 23.39 31.47 3.73
N VAL A 793 23.51 32.58 3.01
CA VAL A 793 22.33 33.15 2.36
C VAL A 793 21.78 32.19 1.33
N GLU A 794 22.67 31.53 0.57
CA GLU A 794 22.19 30.58 -0.43
C GLU A 794 21.46 29.43 0.23
N PHE A 795 21.97 28.92 1.34
CA PHE A 795 21.27 27.84 2.02
C PHE A 795 19.90 28.29 2.48
N PHE A 796 19.81 29.49 3.04
CA PHE A 796 18.51 29.96 3.52
C PHE A 796 17.53 30.13 2.37
N TYR A 797 17.99 30.70 1.26
CA TYR A 797 17.12 30.82 0.11
C TYR A 797 16.69 29.45 -0.40
N LEU A 798 17.61 28.49 -0.45
CA LEU A 798 17.25 27.15 -0.94
C LEU A 798 16.21 26.50 -0.03
N PHE A 799 16.44 26.57 1.28
CA PHE A 799 15.46 26.06 2.22
C PHE A 799 14.13 26.75 2.02
N PHE A 800 14.17 28.03 1.67
CA PHE A 800 12.93 28.74 1.40
C PHE A 800 12.19 28.13 0.23
N ASN A 801 12.90 27.76 -0.84
CA ASN A 801 12.21 27.11 -1.95
C ASN A 801 11.67 25.75 -1.57
N THR A 802 12.39 25.00 -0.73
CA THR A 802 11.81 23.74 -0.26
C THR A 802 10.52 23.98 0.48
N LEU A 803 10.48 25.03 1.31
CA LEU A 803 9.27 25.36 2.03
C LEU A 803 8.13 25.69 1.08
N ILE A 804 8.42 26.43 0.01
CA ILE A 804 7.34 26.78 -0.92
C ILE A 804 6.88 25.56 -1.68
N SER A 805 7.81 24.73 -2.14
CA SER A 805 7.41 23.53 -2.87
C SER A 805 6.63 22.56 -1.99
N TRP A 806 6.82 22.61 -0.68
CA TRP A 806 6.07 21.76 0.24
C TRP A 806 4.62 22.20 0.37
N PHE A 807 4.36 23.50 0.26
CA PHE A 807 3.01 24.04 0.24
C PHE A 807 2.50 24.22 -1.17
N SER A 808 2.99 23.42 -2.10
CA SER A 808 2.51 23.52 -3.48
C SER A 808 1.02 23.18 -3.55
N LEU A 809 0.63 22.08 -2.93
CA LEU A 809 -0.69 21.50 -3.16
C LEU A 809 -1.79 22.46 -2.74
N SER A 810 -1.75 22.93 -1.50
CA SER A 810 -2.79 23.82 -1.02
C SER A 810 -2.79 25.11 -1.82
N SER A 811 -1.60 25.60 -2.15
CA SER A 811 -1.52 26.83 -2.91
C SER A 811 -2.22 26.68 -4.25
N PHE A 812 -1.98 25.57 -4.95
CA PHE A 812 -2.62 25.41 -6.25
C PHE A 812 -4.13 25.32 -6.11
N PHE A 813 -4.62 24.44 -5.25
CA PHE A 813 -6.06 24.31 -5.16
C PHE A 813 -6.69 25.61 -4.72
N LEU A 814 -6.08 26.27 -3.74
CA LEU A 814 -6.67 27.50 -3.20
C LEU A 814 -6.76 28.57 -4.26
N VAL A 815 -5.70 28.75 -5.04
CA VAL A 815 -5.77 29.69 -6.14
C VAL A 815 -6.91 29.31 -7.06
N PHE A 816 -6.98 28.03 -7.41
CA PHE A 816 -8.01 27.59 -8.31
C PHE A 816 -9.39 27.94 -7.80
N ARG A 817 -9.67 27.52 -6.58
CA ARG A 817 -11.01 27.68 -6.04
C ARG A 817 -11.37 29.14 -5.92
N ILE A 818 -10.45 29.97 -5.43
CA ILE A 818 -10.79 31.37 -5.23
C ILE A 818 -11.11 32.03 -6.56
N LEU A 819 -10.30 31.75 -7.57
CA LEU A 819 -10.55 32.37 -8.86
C LEU A 819 -11.90 31.93 -9.43
N THR A 820 -12.17 30.62 -9.38
CA THR A 820 -13.40 30.12 -9.97
C THR A 820 -14.62 30.72 -9.28
N VAL A 821 -14.63 30.67 -7.95
CA VAL A 821 -15.78 31.17 -7.21
C VAL A 821 -15.98 32.65 -7.48
N SER A 822 -14.91 33.42 -7.47
CA SER A 822 -15.05 34.87 -7.65
C SER A 822 -15.66 35.19 -9.00
N ILE A 823 -15.22 34.52 -10.06
CA ILE A 823 -15.77 34.85 -11.36
C ILE A 823 -17.24 34.47 -11.47
N ALA A 824 -17.60 33.26 -11.02
CA ALA A 824 -19.00 32.88 -11.11
C ALA A 824 -19.87 33.82 -10.29
N LEU A 825 -19.42 34.15 -9.08
CA LEU A 825 -20.15 35.13 -8.28
C LEU A 825 -20.29 36.45 -8.98
N ALA A 826 -19.24 36.89 -9.67
CA ALA A 826 -19.25 38.20 -10.28
C ALA A 826 -20.20 38.29 -11.45
N TYR A 827 -20.42 37.19 -12.18
CA TYR A 827 -21.20 37.26 -13.40
C TYR A 827 -22.41 36.35 -13.43
N HIS A 828 -22.45 35.29 -12.61
CA HIS A 828 -23.68 34.56 -12.35
C HIS A 828 -24.21 33.80 -13.56
N SER A 829 -23.61 33.97 -14.72
CA SER A 829 -24.30 33.49 -15.91
C SER A 829 -24.29 31.98 -15.99
N ALA A 830 -23.12 31.39 -16.25
CA ALA A 830 -23.02 29.95 -16.37
C ALA A 830 -21.78 29.39 -15.70
N PHE A 831 -20.96 30.23 -15.08
CA PHE A 831 -19.70 29.80 -14.48
C PHE A 831 -19.90 29.09 -13.18
N ASN A 832 -21.21 28.91 -13.00
CA ASN A 832 -21.80 28.57 -11.72
C ASN A 832 -21.71 27.06 -11.49
N VAL A 833 -22.43 26.31 -12.31
CA VAL A 833 -22.27 24.87 -12.34
C VAL A 833 -20.85 24.51 -12.76
N LEU A 834 -20.19 25.40 -13.52
CA LEU A 834 -18.78 25.18 -13.78
C LEU A 834 -17.98 25.14 -12.50
N SER A 835 -18.25 26.07 -11.59
CA SER A 835 -17.57 26.03 -10.30
C SER A 835 -17.77 24.69 -9.64
N VAL A 836 -19.02 24.25 -9.52
CA VAL A 836 -19.29 23.01 -8.81
C VAL A 836 -18.68 21.82 -9.54
N ILE A 837 -18.85 21.75 -10.86
CA ILE A 837 -18.35 20.61 -11.62
C ILE A 837 -16.85 20.50 -11.46
N PHE A 838 -16.15 21.62 -11.62
CA PHE A 838 -14.71 21.56 -11.57
C PHE A 838 -14.24 21.21 -10.17
N LEU A 839 -14.91 21.73 -9.15
CA LEU A 839 -14.54 21.34 -7.80
C LEU A 839 -14.65 19.82 -7.64
N TRP A 840 -15.74 19.24 -8.14
CA TRP A 840 -15.90 17.81 -8.00
C TRP A 840 -14.85 17.05 -8.78
N LEU A 841 -14.51 17.52 -9.98
CA LEU A 841 -13.48 16.85 -10.75
C LEU A 841 -12.16 16.90 -10.01
N TYR A 842 -11.86 18.03 -9.38
CA TYR A 842 -10.64 18.13 -8.60
C TYR A 842 -10.64 17.11 -7.47
N GLY A 843 -11.74 17.03 -6.73
CA GLY A 843 -11.78 16.11 -5.62
C GLY A 843 -11.59 14.68 -6.06
N ILE A 844 -12.31 14.26 -7.09
CA ILE A 844 -12.21 12.88 -7.55
C ILE A 844 -10.80 12.59 -8.02
N CYS A 845 -10.22 13.51 -8.79
CA CYS A 845 -8.89 13.27 -9.34
C CYS A 845 -7.85 13.17 -8.24
N THR A 846 -7.92 14.06 -7.25
CA THR A 846 -6.94 14.01 -6.18
C THR A 846 -7.07 12.75 -5.35
N LEU A 847 -8.30 12.44 -4.94
CA LEU A 847 -8.55 11.23 -4.11
C LEU A 847 -8.05 9.99 -4.88
N SER A 848 -8.47 9.83 -6.14
CA SER A 848 -8.09 8.66 -6.91
C SER A 848 -6.58 8.60 -7.06
N THR A 849 -5.94 9.74 -7.24
CA THR A 849 -4.49 9.75 -7.34
C THR A 849 -3.85 9.25 -6.06
N PHE A 850 -4.36 9.71 -4.91
CA PHE A 850 -3.87 9.15 -3.65
C PHE A 850 -3.92 7.64 -3.67
N ILE A 851 -5.12 7.09 -3.80
CA ILE A 851 -5.28 5.68 -3.53
C ILE A 851 -4.54 4.84 -4.56
N LEU A 852 -4.57 5.25 -5.82
CA LEU A 852 -3.81 4.54 -6.83
C LEU A 852 -2.33 4.60 -6.54
N SER A 853 -1.83 5.74 -6.08
CA SER A 853 -0.42 5.82 -5.74
C SER A 853 -0.09 4.87 -4.61
N LEU A 854 -0.86 4.92 -3.53
CA LEU A 854 -0.51 4.20 -2.32
C LEU A 854 -0.60 2.70 -2.52
N GLY A 855 -1.72 2.23 -3.03
CA GLY A 855 -1.93 0.80 -3.10
C GLY A 855 -1.43 0.21 -4.39
N ASN A 856 -1.75 0.85 -5.50
CA ASN A 856 -1.48 0.31 -6.81
C ASN A 856 -0.09 0.71 -7.27
N LYS A 857 0.18 0.47 -8.53
CA LYS A 857 1.40 0.89 -9.19
C LYS A 857 1.06 1.71 -10.41
N PRO A 858 1.96 2.59 -10.84
CA PRO A 858 1.67 3.38 -12.04
C PRO A 858 1.47 2.54 -13.28
N LYS A 859 2.34 1.56 -13.54
CA LYS A 859 2.29 0.86 -14.81
C LYS A 859 1.01 0.05 -14.96
N SER A 860 0.42 -0.39 -13.84
CA SER A 860 -0.80 -1.18 -13.93
C SER A 860 -1.92 -0.38 -14.57
N THR A 861 -2.08 0.87 -14.16
CA THR A 861 -3.18 1.70 -14.65
C THR A 861 -2.58 2.91 -15.36
N GLU A 862 -2.16 2.71 -16.60
CA GLU A 862 -1.70 3.86 -17.37
C GLU A 862 -2.87 4.71 -17.81
N LYS A 863 -3.93 4.08 -18.27
CA LYS A 863 -5.03 4.80 -18.89
C LYS A 863 -5.59 5.84 -17.94
N PHE A 864 -5.73 5.49 -16.67
CA PHE A 864 -6.29 6.45 -15.74
C PHE A 864 -5.37 7.64 -15.55
N TYR A 865 -4.06 7.41 -15.37
CA TYR A 865 -3.15 8.54 -15.25
C TYR A 865 -3.17 9.44 -16.47
N VAL A 866 -3.23 8.86 -17.67
CA VAL A 866 -3.35 9.71 -18.84
C VAL A 866 -4.60 10.57 -18.72
N LEU A 867 -5.69 9.97 -18.27
CA LEU A 867 -6.92 10.74 -18.04
C LEU A 867 -6.70 11.81 -16.98
N THR A 868 -5.97 11.49 -15.92
CA THR A 868 -5.76 12.43 -14.84
C THR A 868 -5.04 13.67 -15.34
N CYS A 869 -3.95 13.47 -16.08
CA CYS A 869 -3.21 14.60 -16.60
C CYS A 869 -4.10 15.44 -17.53
N VAL A 870 -4.91 14.78 -18.34
CA VAL A 870 -5.78 15.52 -19.25
C VAL A 870 -6.78 16.36 -18.48
N ILE A 871 -7.39 15.79 -17.44
CA ILE A 871 -8.39 16.51 -16.68
C ILE A 871 -7.78 17.74 -16.03
N PHE A 872 -6.61 17.56 -15.42
CA PHE A 872 -5.93 18.71 -14.84
C PHE A 872 -5.58 19.72 -15.90
N ALA A 873 -5.27 19.27 -17.11
CA ALA A 873 -4.96 20.20 -18.18
C ALA A 873 -6.15 21.07 -18.51
N VAL A 874 -7.32 20.46 -18.70
CA VAL A 874 -8.48 21.27 -19.05
C VAL A 874 -8.84 22.18 -17.88
N MET A 875 -8.58 21.74 -16.65
CA MET A 875 -8.79 22.62 -15.51
C MET A 875 -7.93 23.86 -15.64
N MET A 876 -6.66 23.68 -16.02
CA MET A 876 -5.80 24.83 -16.21
C MET A 876 -6.31 25.73 -17.32
N ILE A 877 -6.81 25.14 -18.40
CA ILE A 877 -7.34 25.97 -19.49
C ILE A 877 -8.48 26.81 -18.96
N TYR A 878 -9.37 26.20 -18.20
CA TYR A 878 -10.48 26.95 -17.64
C TYR A 878 -10.00 28.05 -16.73
N MET A 879 -9.06 27.74 -15.85
CA MET A 879 -8.54 28.76 -14.95
C MET A 879 -8.04 29.95 -15.73
N ILE A 880 -7.25 29.68 -16.76
CA ILE A 880 -6.66 30.74 -17.56
C ILE A 880 -7.75 31.56 -18.23
N PHE A 881 -8.77 30.88 -18.76
CA PHE A 881 -9.85 31.58 -19.41
C PHE A 881 -10.55 32.54 -18.46
N CYS A 882 -10.82 32.08 -17.24
CA CYS A 882 -11.44 32.96 -16.26
C CYS A 882 -10.52 34.12 -15.92
N SER A 883 -9.22 33.85 -15.75
CA SER A 883 -8.29 34.90 -15.39
C SER A 883 -8.27 36.00 -16.44
N ILE A 884 -8.12 35.62 -17.70
CA ILE A 884 -8.10 36.62 -18.76
C ILE A 884 -9.44 37.32 -18.86
N PHE A 885 -10.54 36.59 -18.62
CA PHE A 885 -11.86 37.16 -18.74
C PHE A 885 -12.07 38.28 -17.73
N MET A 886 -11.77 37.99 -16.47
CA MET A 886 -11.86 39.01 -15.44
C MET A 886 -10.92 40.16 -15.72
N SER A 887 -9.70 39.88 -16.17
CA SER A 887 -8.79 40.96 -16.48
C SER A 887 -9.38 41.86 -17.55
N VAL A 888 -9.96 41.27 -18.60
CA VAL A 888 -10.51 42.04 -19.71
C VAL A 888 -11.67 42.91 -19.23
N LYS A 889 -12.60 42.31 -18.49
CA LYS A 889 -13.76 43.07 -18.03
C LYS A 889 -13.33 44.17 -17.07
N SER A 890 -12.40 43.86 -16.16
CA SER A 890 -11.96 44.87 -15.22
C SER A 890 -11.28 46.04 -15.93
N PHE A 891 -10.48 45.75 -16.95
CA PHE A 891 -9.81 46.82 -17.67
C PHE A 891 -10.80 47.62 -18.49
N GLN A 892 -11.81 46.97 -19.06
CA GLN A 892 -12.88 47.72 -19.71
C GLN A 892 -13.61 48.59 -18.70
N ASN A 893 -13.86 48.05 -17.51
CA ASN A 893 -14.55 48.81 -16.48
C ASN A 893 -13.73 50.04 -16.07
N ALA A 910 -6.83 43.89 -7.18
CA ALA A 910 -6.08 42.64 -7.12
C ALA A 910 -5.91 42.02 -8.49
N PHE A 911 -6.84 42.29 -9.40
CA PHE A 911 -6.75 41.68 -10.72
C PHE A 911 -5.87 42.50 -11.66
N ARG A 912 -5.83 43.81 -11.49
CA ARG A 912 -4.73 44.57 -12.07
C ARG A 912 -3.40 44.04 -11.54
N ASP A 913 -3.39 43.62 -10.28
CA ASP A 913 -2.17 43.10 -9.69
C ASP A 913 -1.80 41.74 -10.30
N ILE A 914 -2.79 40.89 -10.56
CA ILE A 914 -2.46 39.57 -11.10
C ILE A 914 -1.95 39.69 -12.53
N VAL A 915 -2.57 40.56 -13.33
CA VAL A 915 -2.07 40.73 -14.69
C VAL A 915 -0.67 41.33 -14.66
N ILE A 916 -0.41 42.27 -13.74
CA ILE A 916 0.94 42.80 -13.61
C ILE A 916 1.92 41.70 -13.27
N SER A 917 1.59 40.88 -12.27
CA SER A 917 2.52 39.87 -11.80
C SER A 917 2.79 38.82 -12.87
N LEU A 918 1.76 38.34 -13.56
CA LEU A 918 1.98 37.31 -14.55
C LEU A 918 2.68 37.84 -15.78
N GLY A 919 2.31 39.04 -16.25
CA GLY A 919 3.07 39.65 -17.32
C GLY A 919 4.53 39.82 -16.95
N SER A 920 4.78 40.22 -15.70
CA SER A 920 6.16 40.40 -15.25
C SER A 920 6.92 39.08 -15.28
N THR A 921 6.35 38.02 -14.71
CA THR A 921 7.09 36.76 -14.65
C THR A 921 7.34 36.20 -16.03
N TYR A 922 6.36 36.32 -16.94
CA TYR A 922 6.60 35.83 -18.29
C TYR A 922 7.69 36.65 -18.98
N CYS A 923 7.64 37.97 -18.84
CA CYS A 923 8.65 38.82 -19.46
C CYS A 923 10.04 38.51 -18.91
N LEU A 924 10.15 38.32 -17.60
CA LEU A 924 11.45 38.00 -17.02
C LEU A 924 11.96 36.66 -17.55
N TYR A 925 11.09 35.67 -17.65
CA TYR A 925 11.47 34.41 -18.26
C TYR A 925 12.03 34.65 -19.66
N LEU A 926 11.32 35.44 -20.45
CA LEU A 926 11.74 35.65 -21.83
C LEU A 926 13.09 36.33 -21.89
N ILE A 927 13.27 37.39 -21.11
CA ILE A 927 14.49 38.16 -21.22
C ILE A 927 15.68 37.33 -20.74
N SER A 928 15.47 36.50 -19.72
CA SER A 928 16.55 35.63 -19.26
C SER A 928 16.92 34.62 -20.34
N SER A 929 15.93 34.01 -20.98
CA SER A 929 16.22 33.03 -22.01
C SER A 929 16.97 33.68 -23.17
N ILE A 930 16.60 34.90 -23.53
CA ILE A 930 17.32 35.59 -24.59
C ILE A 930 18.75 35.85 -24.19
N ILE A 931 18.95 36.37 -22.97
CA ILE A 931 20.30 36.66 -22.51
C ILE A 931 21.16 35.42 -22.59
N TYR A 932 20.64 34.30 -22.13
CA TYR A 932 21.40 33.06 -22.19
C TYR A 932 21.63 32.61 -23.63
N LEU A 933 20.91 33.20 -24.59
CA LEU A 933 21.09 32.97 -26.02
C LEU A 933 20.50 31.65 -26.50
N GLN A 934 19.52 31.11 -25.79
CA GLN A 934 18.68 30.01 -26.27
C GLN A 934 17.23 30.35 -26.02
N PRO A 935 16.62 31.16 -26.90
CA PRO A 935 15.20 31.48 -26.75
C PRO A 935 14.27 30.53 -27.49
N TRP A 936 14.81 29.60 -28.27
CA TRP A 936 13.99 28.74 -29.11
C TRP A 936 13.19 27.73 -28.32
N HIS A 937 13.27 27.75 -27.01
CA HIS A 937 12.37 26.97 -26.17
C HIS A 937 11.22 27.78 -25.62
N MET A 938 11.35 29.10 -25.54
CA MET A 938 10.30 29.93 -24.97
C MET A 938 8.99 29.90 -25.76
N LEU A 939 9.05 29.63 -27.05
CA LEU A 939 7.84 29.62 -27.85
C LEU A 939 7.54 28.25 -28.42
N THR A 940 8.56 27.45 -28.68
CA THR A 940 8.32 26.12 -29.25
C THR A 940 7.64 25.22 -28.23
N SER A 941 8.16 25.13 -27.02
CA SER A 941 7.76 24.11 -26.08
C SER A 941 7.31 24.70 -24.76
N PHE A 942 6.56 25.80 -24.81
CA PHE A 942 6.09 26.45 -23.60
C PHE A 942 4.69 26.03 -23.22
N ILE A 943 3.78 25.95 -24.18
CA ILE A 943 2.39 25.69 -23.87
C ILE A 943 2.23 24.30 -23.25
N GLN A 944 3.01 23.34 -23.74
CA GLN A 944 2.96 22.02 -23.13
C GLN A 944 3.28 22.09 -21.65
N TYR A 945 4.34 22.82 -21.29
CA TYR A 945 4.71 22.91 -19.88
C TYR A 945 3.63 23.60 -19.07
N ILE A 946 3.07 24.67 -19.59
CA ILE A 946 2.03 25.36 -18.83
C ILE A 946 0.86 24.42 -18.57
N LEU A 947 0.42 23.69 -19.59
CA LEU A 947 -0.72 22.80 -19.39
C LEU A 947 -0.37 21.60 -18.53
N LEU A 948 0.90 21.23 -18.45
CA LEU A 948 1.23 20.13 -17.58
C LEU A 948 1.49 20.54 -16.14
N SER A 949 1.66 21.83 -15.87
CA SER A 949 2.01 22.22 -14.50
C SER A 949 1.07 21.65 -13.45
N PRO A 950 -0.25 21.59 -13.63
CA PRO A 950 -1.06 20.93 -12.61
C PRO A 950 -0.63 19.51 -12.35
N SER A 951 -0.30 18.74 -13.39
CA SER A 951 0.15 17.39 -13.16
C SER A 951 1.47 17.38 -12.41
N TYR A 952 2.28 18.43 -12.57
CA TYR A 952 3.53 18.50 -11.82
C TYR A 952 3.30 18.82 -10.36
N ILE A 953 2.14 19.39 -10.02
CA ILE A 953 1.89 19.75 -8.63
C ILE A 953 1.08 18.68 -7.90
N ASN A 954 0.03 18.15 -8.52
CA ASN A 954 -0.93 17.31 -7.83
C ASN A 954 -0.76 15.83 -8.10
N VAL A 955 0.15 15.42 -8.97
CA VAL A 955 0.35 14.01 -9.27
C VAL A 955 1.77 13.58 -8.97
N LEU A 956 2.76 14.30 -9.47
CA LEU A 956 4.13 13.96 -9.16
C LEU A 956 4.40 14.07 -7.67
N ASN A 957 3.88 15.12 -7.02
CA ASN A 957 4.06 15.22 -5.58
C ASN A 957 3.40 14.05 -4.87
N ILE A 958 2.13 13.80 -5.17
CA ILE A 958 1.39 12.78 -4.45
C ILE A 958 2.06 11.44 -4.57
N TYR A 959 2.41 11.05 -5.78
CA TYR A 959 3.08 9.78 -5.95
C TYR A 959 4.48 9.81 -5.36
N ALA A 960 5.13 10.98 -5.34
CA ALA A 960 6.47 11.04 -4.78
C ALA A 960 6.44 10.74 -3.29
N PHE A 961 5.57 11.42 -2.56
CA PHE A 961 5.47 11.18 -1.12
C PHE A 961 4.91 9.80 -0.83
N CYS A 962 3.95 9.34 -1.59
CA CYS A 962 3.34 8.08 -1.24
C CYS A 962 4.27 6.90 -1.38
N ASN A 963 5.42 7.07 -2.00
CA ASN A 963 6.37 5.98 -2.15
C ASN A 963 7.75 6.41 -1.69
N VAL A 964 7.81 7.00 -0.49
CA VAL A 964 9.09 7.49 0.02
C VAL A 964 10.15 6.41 -0.02
N HIS A 965 9.91 5.29 0.65
CA HIS A 965 10.98 4.32 0.83
C HIS A 965 10.90 3.12 -0.11
N ASP A 966 9.79 2.93 -0.82
CA ASP A 966 9.62 1.79 -1.69
C ASP A 966 9.80 0.47 -0.90
N PRO A 1026 11.28 -10.38 15.36
CA PRO A 1026 11.63 -10.95 14.05
C PRO A 1026 12.95 -10.43 13.50
N SER A 1027 13.25 -10.78 12.25
CA SER A 1027 14.53 -10.43 11.66
C SER A 1027 14.74 -8.92 11.63
N TYR A 1028 15.99 -8.52 11.42
CA TYR A 1028 16.30 -7.11 11.32
C TYR A 1028 15.65 -6.48 10.10
N ASP A 1029 15.54 -7.23 9.00
CA ASP A 1029 15.01 -6.68 7.76
C ASP A 1029 13.60 -6.15 7.96
N GLU A 1030 12.72 -6.98 8.52
CA GLU A 1030 11.38 -6.50 8.81
C GLU A 1030 11.41 -5.33 9.78
N LYS A 1031 12.41 -5.26 10.65
CA LYS A 1031 12.46 -4.14 11.57
C LYS A 1031 12.74 -2.83 10.82
N LYS A 1032 13.70 -2.84 9.89
CA LYS A 1032 13.87 -1.66 9.06
C LYS A 1032 12.58 -1.37 8.32
N THR A 1033 11.93 -2.41 7.82
CA THR A 1033 10.71 -2.21 7.03
C THR A 1033 9.64 -1.52 7.86
N GLY A 1034 9.47 -1.96 9.10
CA GLY A 1034 8.52 -1.30 9.98
C GLY A 1034 8.89 0.15 10.20
N TYR A 1035 10.17 0.42 10.42
CA TYR A 1035 10.59 1.80 10.59
C TYR A 1035 10.31 2.62 9.33
N TYR A 1036 10.59 2.03 8.17
CA TYR A 1036 10.42 2.73 6.91
C TYR A 1036 8.96 3.08 6.70
N ALA A 1037 8.07 2.12 6.94
CA ALA A 1037 6.65 2.39 6.82
C ALA A 1037 6.22 3.46 7.81
N ASN A 1038 6.77 3.42 9.02
CA ASN A 1038 6.45 4.47 9.99
C ASN A 1038 6.75 5.84 9.43
N VAL A 1039 7.96 6.03 8.90
CA VAL A 1039 8.34 7.35 8.42
C VAL A 1039 7.46 7.75 7.24
N ARG A 1040 7.23 6.83 6.33
CA ARG A 1040 6.44 7.13 5.14
C ARG A 1040 5.04 7.61 5.51
N SER A 1041 4.35 6.82 6.30
CA SER A 1041 3.00 7.16 6.69
C SER A 1041 2.95 8.21 7.77
N LEU A 1042 4.09 8.73 8.21
CA LEU A 1042 4.03 9.91 9.05
C LEU A 1042 4.21 11.17 8.24
N VAL A 1043 5.13 11.15 7.27
CA VAL A 1043 5.37 12.32 6.45
C VAL A 1043 4.12 12.68 5.67
N ILE A 1044 3.44 11.67 5.11
CA ILE A 1044 2.24 11.99 4.34
C ILE A 1044 1.21 12.68 5.21
N ILE A 1045 1.04 12.21 6.44
CA ILE A 1045 0.07 12.83 7.34
C ILE A 1045 0.42 14.28 7.59
N PHE A 1046 1.69 14.55 7.92
CA PHE A 1046 2.05 15.93 8.19
C PHE A 1046 1.83 16.81 6.99
N TRP A 1047 2.20 16.31 5.81
CA TRP A 1047 2.06 17.11 4.61
C TRP A 1047 0.60 17.48 4.38
N VAL A 1048 -0.27 16.47 4.39
CA VAL A 1048 -1.67 16.70 4.07
C VAL A 1048 -2.32 17.60 5.12
N ILE A 1049 -2.06 17.32 6.40
CA ILE A 1049 -2.67 18.08 7.46
C ILE A 1049 -2.28 19.54 7.37
N THR A 1050 -0.98 19.81 7.22
CA THR A 1050 -0.51 21.18 7.19
C THR A 1050 -1.09 21.94 6.00
N ASN A 1051 -1.07 21.34 4.82
CA ASN A 1051 -1.70 21.99 3.69
C ASN A 1051 -3.15 22.31 3.98
N PHE A 1052 -3.87 21.35 4.59
CA PHE A 1052 -5.24 21.66 4.91
C PHE A 1052 -5.35 22.75 5.94
N ILE A 1053 -4.39 22.84 6.85
CA ILE A 1053 -4.43 23.93 7.83
C ILE A 1053 -4.50 25.26 7.11
N ILE A 1054 -3.66 25.41 6.09
CA ILE A 1054 -3.67 26.65 5.32
C ILE A 1054 -5.01 26.84 4.64
N VAL A 1055 -5.53 25.78 4.03
CA VAL A 1055 -6.79 25.92 3.31
C VAL A 1055 -7.89 26.34 4.27
N ALA A 1056 -7.92 25.74 5.45
CA ALA A 1056 -8.96 26.07 6.42
C ALA A 1056 -8.83 27.52 6.86
N VAL A 1057 -7.61 27.97 7.12
CA VAL A 1057 -7.44 29.33 7.62
C VAL A 1057 -7.87 30.34 6.58
N VAL A 1058 -7.60 30.07 5.31
CA VAL A 1058 -7.89 31.04 4.27
C VAL A 1058 -9.35 30.98 3.83
N LEU A 1059 -9.75 29.83 3.28
CA LEU A 1059 -11.11 29.66 2.80
C LEU A 1059 -12.14 29.57 3.91
N GLU A 1060 -11.71 29.47 5.17
CA GLU A 1060 -12.63 29.27 6.29
C GLU A 1060 -13.42 27.97 6.12
N THR A 1061 -12.68 26.90 5.81
CA THR A 1061 -13.25 25.56 5.80
C THR A 1061 -12.88 24.88 7.11
N GLY A 1062 -13.42 23.69 7.36
CA GLY A 1062 -13.18 23.04 8.62
C GLY A 1062 -14.00 23.58 9.76
N GLY A 1063 -15.09 24.27 9.45
CA GLY A 1063 -16.00 24.71 10.47
C GLY A 1063 -15.55 25.93 11.24
N ILE A 1064 -14.36 26.47 10.95
CA ILE A 1064 -13.98 27.71 11.59
C ILE A 1064 -14.97 28.81 11.23
N ALA A 1065 -15.42 28.81 9.98
CA ALA A 1065 -16.42 29.78 9.56
C ALA A 1065 -17.69 29.65 10.37
N ASP A 1066 -18.14 28.40 10.60
CA ASP A 1066 -19.28 28.18 11.47
C ASP A 1066 -19.01 28.72 12.87
N TYR A 1067 -17.84 28.40 13.42
CA TYR A 1067 -17.50 28.92 14.74
C TYR A 1067 -17.58 30.43 14.77
N ILE A 1068 -17.18 31.09 13.69
CA ILE A 1068 -17.26 32.55 13.65
C ILE A 1068 -18.71 33.00 13.70
N ALA A 1069 -19.55 32.45 12.83
CA ALA A 1069 -20.92 32.93 12.75
C ALA A 1069 -21.64 32.71 14.07
N MET A 1070 -21.45 31.53 14.65
CA MET A 1070 -22.08 31.21 15.92
C MET A 1070 -21.46 31.98 17.08
N LYS A 1071 -20.19 32.36 16.97
CA LYS A 1071 -19.62 33.26 17.96
C LYS A 1071 -20.35 34.59 17.95
N SER A 1072 -20.64 35.12 16.77
CA SER A 1072 -21.42 36.35 16.70
C SER A 1072 -22.84 36.10 17.18
N ILE A 1073 -23.34 34.87 17.01
CA ILE A 1073 -24.66 34.54 17.53
C ILE A 1073 -24.71 34.70 19.03
N SER A 1074 -23.67 34.23 19.73
CA SER A 1074 -23.69 34.31 21.19
C SER A 1074 -23.73 35.75 21.69
N ILE A 1087 -23.10 32.16 7.57
CA ILE A 1087 -21.71 32.35 7.17
C ILE A 1087 -21.63 33.12 5.85
N PRO A 1088 -20.67 34.02 5.68
CA PRO A 1088 -20.48 34.68 4.38
C PRO A 1088 -19.71 33.82 3.39
N LEU A 1089 -19.80 34.19 2.12
CA LEU A 1089 -19.21 33.39 1.06
C LEU A 1089 -17.69 33.46 1.05
N MET A 1090 -17.14 34.62 0.72
CA MET A 1090 -15.70 34.85 0.73
C MET A 1090 -15.40 36.14 1.46
N THR A 1091 -14.23 36.19 2.08
CA THR A 1091 -13.82 37.30 2.91
C THR A 1091 -12.66 38.05 2.26
N SER A 1092 -12.14 39.04 2.97
CA SER A 1092 -10.93 39.71 2.52
C SER A 1092 -9.71 38.80 2.57
N LYS A 1093 -9.77 37.73 3.38
CA LYS A 1093 -8.64 36.81 3.44
C LYS A 1093 -8.30 36.26 2.07
N ALA A 1094 -9.33 35.91 1.29
CA ALA A 1094 -9.09 35.35 -0.04
C ALA A 1094 -8.33 36.32 -0.92
N SER A 1095 -8.78 37.56 -0.98
CA SER A 1095 -8.10 38.55 -1.81
C SER A 1095 -6.66 38.74 -1.35
N ILE A 1096 -6.45 38.83 -0.04
CA ILE A 1096 -5.10 39.07 0.47
C ILE A 1096 -4.18 37.92 0.08
N TYR A 1097 -4.60 36.69 0.37
CA TYR A 1097 -3.74 35.56 0.08
C TYR A 1097 -3.50 35.40 -1.41
N PHE A 1098 -4.57 35.64 -2.19
CA PHE A 1098 -4.45 35.49 -3.67
C PHE A 1098 -3.36 36.43 -4.16
N ASN A 1099 -3.36 37.68 -3.68
CA ASN A 1099 -2.29 38.59 -4.05
C ASN A 1099 -0.94 38.07 -3.59
N VAL A 1100 -0.89 37.49 -2.39
CA VAL A 1100 0.39 37.08 -1.82
C VAL A 1100 1.06 36.02 -2.66
N ILE A 1101 0.31 35.03 -3.13
CA ILE A 1101 0.95 33.95 -3.87
C ILE A 1101 1.58 34.45 -5.16
N LEU A 1102 0.87 35.30 -5.91
CA LEU A 1102 1.45 35.82 -7.14
C LEU A 1102 2.58 36.79 -6.87
N TRP A 1103 2.44 37.60 -5.82
CA TRP A 1103 3.51 38.49 -5.41
C TRP A 1103 4.78 37.69 -5.17
N LEU A 1104 4.65 36.60 -4.44
CA LEU A 1104 5.81 35.77 -4.15
C LEU A 1104 6.38 35.15 -5.42
N VAL A 1105 5.51 34.70 -6.32
CA VAL A 1105 6.01 34.08 -7.54
C VAL A 1105 6.83 35.06 -8.34
N ALA A 1106 6.32 36.29 -8.48
CA ALA A 1106 7.09 37.31 -9.20
C ALA A 1106 8.41 37.57 -8.49
N LEU A 1107 8.40 37.57 -7.16
CA LEU A 1107 9.64 37.76 -6.43
C LEU A 1107 10.67 36.68 -6.76
N SER A 1108 10.23 35.43 -6.78
CA SER A 1108 11.17 34.35 -7.07
C SER A 1108 11.73 34.45 -8.47
N ALA A 1109 10.88 34.76 -9.44
CA ALA A 1109 11.36 34.90 -10.81
C ALA A 1109 12.38 36.02 -10.91
N LEU A 1110 12.10 37.15 -10.27
CA LEU A 1110 13.02 38.28 -10.31
C LEU A 1110 14.38 37.92 -9.73
N ILE A 1111 14.38 37.25 -8.58
CA ILE A 1111 15.65 36.94 -7.94
C ILE A 1111 16.47 36.00 -8.81
N ARG A 1112 15.86 34.94 -9.32
CA ARG A 1112 16.63 34.03 -10.15
C ARG A 1112 17.08 34.71 -11.43
N PHE A 1113 16.31 35.69 -11.92
CA PHE A 1113 16.76 36.47 -13.06
C PHE A 1113 18.04 37.22 -12.74
N ILE A 1114 18.09 37.87 -11.59
CA ILE A 1114 19.31 38.57 -11.19
C ILE A 1114 20.47 37.59 -11.13
N GLY A 1115 20.23 36.39 -10.60
CA GLY A 1115 21.29 35.40 -10.56
C GLY A 1115 21.82 35.07 -11.94
N CYS A 1116 20.91 34.89 -12.90
CA CYS A 1116 21.35 34.62 -14.27
C CYS A 1116 22.16 35.77 -14.82
N SER A 1117 21.72 37.00 -14.59
CA SER A 1117 22.43 38.15 -15.13
C SER A 1117 23.84 38.23 -14.58
N ILE A 1118 23.99 38.04 -13.27
CA ILE A 1118 25.33 38.16 -12.67
C ILE A 1118 26.25 37.06 -13.19
N TYR A 1119 25.77 35.82 -13.23
CA TYR A 1119 26.65 34.76 -13.71
C TYR A 1119 27.11 35.02 -15.13
N MET A 1120 26.18 35.37 -16.02
CA MET A 1120 26.56 35.60 -17.41
C MET A 1120 27.51 36.78 -17.53
N ILE A 1121 27.27 37.84 -16.77
CA ILE A 1121 28.14 39.01 -16.83
C ILE A 1121 29.56 38.64 -16.40
N VAL A 1122 29.67 37.88 -15.32
CA VAL A 1122 31.00 37.51 -14.83
C VAL A 1122 31.73 36.67 -15.87
N ARG A 1123 31.03 35.70 -16.47
CA ARG A 1123 31.68 34.89 -17.49
C ARG A 1123 32.11 35.75 -18.68
N PHE A 1124 31.27 36.70 -19.07
CA PHE A 1124 31.65 37.59 -20.18
C PHE A 1124 32.88 38.41 -19.85
N PHE A 1125 32.94 38.98 -18.65
CA PHE A 1125 34.08 39.83 -18.29
C PHE A 1125 35.36 39.01 -18.22
N LYS A 1126 35.32 37.83 -17.61
CA LYS A 1126 36.51 37.00 -17.54
C LYS A 1126 36.94 36.56 -18.93
N LYS A 1127 35.97 36.27 -19.81
CA LYS A 1127 36.33 35.95 -21.19
C LYS A 1127 36.97 37.14 -21.89
N VAL A 1128 36.46 38.34 -21.64
CA VAL A 1128 37.01 39.54 -22.28
C VAL A 1128 38.45 39.75 -21.84
N THR A 1129 38.72 39.63 -20.54
CA THR A 1129 40.09 39.73 -20.07
C THR A 1129 40.94 38.59 -20.62
N PHE A 1130 40.37 37.39 -20.67
CA PHE A 1130 41.11 36.24 -21.21
C PHE A 1130 41.32 36.34 -22.70
N PRO B 410 -8.39 -54.16 21.12
CA PRO B 410 -7.80 -55.08 20.16
C PRO B 410 -6.51 -54.53 19.54
N ASN B 411 -5.93 -55.25 18.57
CA ASN B 411 -4.64 -54.82 17.97
C ASN B 411 -4.75 -53.38 17.47
N GLU B 412 -5.82 -53.06 16.73
CA GLU B 412 -5.96 -51.69 16.15
C GLU B 412 -6.04 -50.69 17.31
N PHE B 413 -6.56 -51.13 18.46
CA PHE B 413 -6.61 -50.25 19.66
C PHE B 413 -5.28 -50.34 20.40
N LYS B 414 -4.46 -51.33 20.06
CA LYS B 414 -3.15 -51.53 20.75
C LYS B 414 -2.03 -50.89 19.93
N PHE B 415 -2.26 -50.67 18.63
CA PHE B 415 -1.18 -50.13 17.76
C PHE B 415 -1.75 -49.03 16.86
N MET B 416 -0.90 -48.07 16.46
CA MET B 416 -1.34 -46.96 15.58
C MET B 416 -0.78 -47.19 14.17
N ARG B 417 -1.66 -47.46 13.20
CA ARG B 417 -1.21 -47.68 11.79
C ARG B 417 -0.89 -46.32 11.15
N TYR B 418 0.11 -46.30 10.25
CA TYR B 418 0.45 -45.04 9.54
C TYR B 418 0.44 -45.30 8.02
N GLN B 419 0.21 -44.25 7.24
CA GLN B 419 0.22 -44.39 5.76
C GLN B 419 0.64 -43.05 5.14
N ALA B 420 1.16 -43.07 3.91
CA ALA B 420 1.62 -41.84 3.24
C ALA B 420 0.75 -41.56 2.02
N VAL B 421 -0.16 -40.58 2.13
CA VAL B 421 -1.03 -40.19 0.97
C VAL B 421 -0.16 -39.46 -0.06
N THR B 422 -0.37 -39.74 -1.35
CA THR B 422 0.43 -39.08 -2.42
C THR B 422 -0.43 -38.94 -3.68
N CYS B 423 -1.54 -38.20 -3.58
CA CYS B 423 -2.43 -37.99 -4.76
C CYS B 423 -3.32 -36.77 -4.53
N GLU B 424 -3.84 -36.16 -5.60
CA GLU B 424 -4.79 -35.02 -5.45
C GLU B 424 -5.96 -35.50 -4.60
N PRO B 425 -6.45 -34.70 -3.62
CA PRO B 425 -7.50 -35.15 -2.68
C PRO B 425 -8.71 -35.82 -3.28
N ASN B 426 -9.18 -35.45 -4.48
CA ASN B 426 -10.40 -36.13 -4.95
C ASN B 426 -10.08 -37.39 -5.73
N GLN B 427 -8.93 -38.00 -5.48
CA GLN B 427 -8.51 -39.21 -6.18
C GLN B 427 -8.36 -40.42 -5.26
N LEU B 428 -8.68 -40.29 -3.97
CA LEU B 428 -8.37 -41.34 -3.02
C LEU B 428 -9.01 -42.68 -3.37
N ALA B 429 -10.22 -42.65 -3.93
CA ALA B 429 -10.95 -43.89 -4.16
C ALA B 429 -10.29 -44.75 -5.23
N GLU B 430 -10.22 -44.24 -6.45
CA GLU B 430 -9.57 -44.96 -7.53
C GLU B 430 -8.09 -45.19 -7.24
N LYS B 431 -7.49 -44.34 -6.41
CA LYS B 431 -6.09 -44.51 -6.05
C LYS B 431 -5.83 -45.72 -5.20
N ASN B 432 -6.87 -46.47 -4.84
CA ASN B 432 -6.75 -47.68 -4.04
C ASN B 432 -6.13 -47.37 -2.67
N PHE B 433 -6.73 -46.41 -1.97
CA PHE B 433 -6.32 -46.07 -0.61
C PHE B 433 -7.48 -46.39 0.33
N THR B 434 -7.19 -47.13 1.39
CA THR B 434 -8.25 -47.66 2.24
C THR B 434 -8.08 -47.16 3.66
N VAL B 435 -9.10 -47.42 4.49
CA VAL B 435 -9.10 -47.06 5.89
C VAL B 435 -9.60 -48.24 6.70
N ARG B 436 -9.25 -48.24 7.98
CA ARG B 436 -9.57 -49.37 8.86
C ARG B 436 -11.08 -49.59 8.93
N GLN B 437 -11.85 -48.51 8.90
CA GLN B 437 -13.31 -48.63 9.02
C GLN B 437 -13.89 -49.54 7.96
N LEU B 438 -13.23 -49.63 6.81
CA LEU B 438 -13.69 -50.44 5.70
C LEU B 438 -13.08 -51.83 5.69
N LYS B 439 -12.03 -52.06 6.47
CA LYS B 439 -11.29 -53.30 6.42
C LYS B 439 -11.74 -54.32 7.45
N TYR B 440 -12.71 -53.99 8.29
CA TYR B 440 -13.21 -54.98 9.21
C TYR B 440 -14.00 -56.05 8.45
N LEU B 441 -14.23 -57.18 9.12
CA LEU B 441 -14.95 -58.28 8.50
C LEU B 441 -16.31 -57.83 8.03
N THR B 442 -17.00 -57.03 8.84
CA THR B 442 -18.18 -56.32 8.40
C THR B 442 -17.89 -54.83 8.46
N PRO B 443 -18.06 -54.08 7.37
CA PRO B 443 -17.71 -52.66 7.39
C PRO B 443 -18.50 -51.91 8.46
N ARG B 444 -17.82 -50.99 9.13
CA ARG B 444 -18.46 -50.18 10.16
C ARG B 444 -19.20 -49.02 9.49
N GLU B 445 -20.53 -49.01 9.63
CA GLU B 445 -21.34 -47.95 9.02
C GLU B 445 -21.25 -46.73 9.91
N THR B 446 -20.32 -45.84 9.60
CA THR B 446 -20.17 -44.63 10.38
C THR B 446 -21.37 -43.71 10.19
N GLU B 447 -21.82 -43.12 11.28
CA GLU B 447 -22.91 -42.16 11.22
C GLU B 447 -22.43 -40.72 11.20
N LEU B 448 -21.21 -40.47 11.66
CA LEU B 448 -20.84 -39.09 11.95
C LEU B 448 -19.33 -38.91 11.89
N MET B 449 -18.90 -37.82 11.27
CA MET B 449 -17.49 -37.44 11.18
C MET B 449 -17.27 -36.08 11.81
N LEU B 450 -16.26 -35.97 12.65
CA LEU B 450 -15.88 -34.69 13.24
C LEU B 450 -14.53 -34.28 12.67
N VAL B 451 -14.47 -33.06 12.13
CA VAL B 451 -13.25 -32.53 11.55
C VAL B 451 -12.72 -31.44 12.46
N VAL B 452 -11.47 -31.56 12.88
CA VAL B 452 -10.80 -30.54 13.68
C VAL B 452 -9.62 -30.02 12.88
N THR B 453 -9.57 -28.71 12.68
CA THR B 453 -8.46 -28.07 11.98
C THR B 453 -7.65 -27.31 13.01
N MET B 454 -6.35 -27.59 13.08
CA MET B 454 -5.45 -26.84 13.93
C MET B 454 -4.25 -26.43 13.11
N TYR B 455 -3.81 -25.19 13.28
CA TYR B 455 -2.73 -24.66 12.47
C TYR B 455 -1.43 -24.60 13.26
N ASN B 456 -1.43 -23.87 14.38
CA ASN B 456 -0.29 -23.79 15.27
C ASN B 456 -0.74 -23.76 16.72
N GLU B 457 -1.90 -24.33 17.01
CA GLU B 457 -2.49 -24.21 18.33
C GLU B 457 -1.69 -24.97 19.37
N ASP B 458 -1.65 -24.42 20.57
CA ASP B 458 -0.98 -25.04 21.70
C ASP B 458 -1.77 -26.28 22.16
N HIS B 459 -1.11 -27.09 22.99
CA HIS B 459 -1.73 -28.32 23.45
C HIS B 459 -3.00 -28.04 24.25
N ILE B 460 -3.01 -26.94 24.99
CA ILE B 460 -4.17 -26.63 25.83
C ILE B 460 -5.41 -26.43 24.97
N LEU B 461 -5.28 -25.69 23.87
CA LEU B 461 -6.45 -25.38 23.04
C LEU B 461 -7.04 -26.65 22.47
N LEU B 462 -6.19 -27.49 21.87
CA LEU B 462 -6.66 -28.76 21.35
C LEU B 462 -7.22 -29.62 22.47
N GLY B 463 -6.63 -29.55 23.66
CA GLY B 463 -7.17 -30.30 24.78
C GLY B 463 -8.57 -29.88 25.14
N ARG B 464 -8.82 -28.56 25.16
CA ARG B 464 -10.17 -28.08 25.41
C ARG B 464 -11.14 -28.67 24.40
N THR B 465 -10.81 -28.53 23.12
CA THR B 465 -11.73 -29.01 22.09
C THR B 465 -11.95 -30.51 22.21
N LEU B 466 -10.87 -31.26 22.40
CA LEU B 466 -10.95 -32.72 22.43
C LEU B 466 -11.67 -33.21 23.69
N LYS B 467 -11.54 -32.49 24.80
CA LYS B 467 -12.36 -32.79 25.97
C LYS B 467 -13.82 -32.64 25.65
N GLY B 468 -14.20 -31.54 25.00
CA GLY B 468 -15.58 -31.40 24.56
C GLY B 468 -16.00 -32.58 23.72
N ILE B 469 -15.11 -33.05 22.84
CA ILE B 469 -15.44 -34.15 21.94
C ILE B 469 -15.78 -35.41 22.73
N MET B 470 -14.84 -35.89 23.55
CA MET B 470 -15.08 -37.18 24.18
C MET B 470 -16.17 -37.09 25.23
N ASP B 471 -16.34 -35.93 25.86
CA ASP B 471 -17.46 -35.80 26.78
C ASP B 471 -18.78 -35.98 26.05
N ASN B 472 -18.91 -35.36 24.88
CA ASN B 472 -20.12 -35.58 24.08
C ASN B 472 -20.29 -37.05 23.76
N VAL B 473 -19.23 -37.70 23.27
CA VAL B 473 -19.35 -39.10 22.83
C VAL B 473 -19.72 -40.00 24.00
N LYS B 474 -19.13 -39.73 25.17
CA LYS B 474 -19.50 -40.49 26.36
C LYS B 474 -20.98 -40.32 26.66
N TYR B 475 -21.49 -39.10 26.52
CA TYR B 475 -22.91 -38.90 26.75
C TYR B 475 -23.75 -39.70 25.76
N MET B 476 -23.36 -39.70 24.48
CA MET B 476 -24.15 -40.46 23.52
C MET B 476 -24.11 -41.96 23.82
N VAL B 477 -22.95 -42.45 24.24
CA VAL B 477 -22.79 -43.92 24.51
C VAL B 477 -23.60 -44.26 25.78
N LYS B 478 -23.80 -43.28 26.66
CA LYS B 478 -24.58 -43.52 27.87
C LYS B 478 -26.08 -43.40 27.63
N LYS B 479 -26.50 -43.03 26.41
CA LYS B 479 -27.91 -42.97 26.09
C LYS B 479 -28.52 -44.37 26.06
N LYS B 480 -29.74 -44.50 26.58
CA LYS B 480 -30.41 -45.78 26.66
C LYS B 480 -31.52 -45.92 25.63
N ASN B 481 -32.48 -44.99 25.64
CA ASN B 481 -33.63 -45.05 24.75
C ASN B 481 -33.31 -44.33 23.46
N SER B 482 -32.64 -45.02 22.55
CA SER B 482 -32.36 -44.47 21.23
C SER B 482 -32.12 -45.61 20.27
N SER B 483 -32.67 -45.49 19.06
CA SER B 483 -32.41 -46.47 18.02
C SER B 483 -30.99 -46.35 17.48
N THR B 484 -30.46 -45.12 17.40
CA THR B 484 -29.16 -44.92 16.79
C THR B 484 -28.01 -45.23 17.74
N TRP B 485 -28.21 -44.89 19.01
CA TRP B 485 -27.08 -45.00 19.96
C TRP B 485 -27.33 -46.05 21.03
N GLY B 486 -26.27 -46.45 21.72
CA GLY B 486 -26.34 -47.42 22.79
C GLY B 486 -24.96 -47.73 23.35
N PRO B 487 -24.80 -48.96 23.86
CA PRO B 487 -23.51 -49.33 24.46
C PRO B 487 -22.34 -49.28 23.50
N ASP B 488 -22.57 -49.60 22.23
CA ASP B 488 -21.52 -49.66 21.23
C ASP B 488 -21.52 -48.46 20.28
N ALA B 489 -22.12 -47.36 20.71
CA ALA B 489 -22.34 -46.23 19.80
C ALA B 489 -21.04 -45.68 19.26
N TRP B 490 -19.96 -45.77 20.02
CA TRP B 490 -18.67 -45.23 19.59
C TRP B 490 -18.21 -45.84 18.28
N LYS B 491 -18.71 -47.02 17.94
CA LYS B 491 -18.27 -47.65 16.70
C LYS B 491 -18.62 -46.80 15.49
N LYS B 492 -19.76 -46.09 15.52
CA LYS B 492 -20.22 -45.35 14.36
C LYS B 492 -19.66 -43.94 14.30
N ILE B 493 -18.62 -43.67 15.10
CA ILE B 493 -18.08 -42.30 15.19
C ILE B 493 -16.61 -42.26 14.78
N VAL B 494 -16.18 -41.18 14.13
CA VAL B 494 -14.79 -40.99 13.73
C VAL B 494 -14.43 -39.52 13.87
N VAL B 495 -13.24 -39.26 14.36
CA VAL B 495 -12.75 -37.89 14.53
C VAL B 495 -11.49 -37.73 13.70
N CYS B 496 -11.56 -36.91 12.67
CA CYS B 496 -10.44 -36.65 11.78
C CYS B 496 -9.81 -35.33 12.17
N ILE B 497 -8.50 -35.36 12.43
CA ILE B 497 -7.77 -34.19 12.90
C ILE B 497 -6.78 -33.82 11.82
N ILE B 498 -7.12 -32.82 11.01
CA ILE B 498 -6.26 -32.37 9.93
C ILE B 498 -5.41 -31.22 10.46
N SER B 499 -4.09 -31.40 10.42
CA SER B 499 -3.19 -30.29 10.66
C SER B 499 -2.42 -29.93 9.41
N ASP B 500 -2.08 -28.64 9.29
CA ASP B 500 -1.50 -28.08 8.08
C ASP B 500 0.00 -27.86 8.32
N GLY B 501 0.82 -28.68 7.66
CA GLY B 501 2.25 -28.44 7.63
C GLY B 501 2.99 -29.00 8.83
N ARG B 502 3.99 -29.85 8.59
CA ARG B 502 4.76 -30.38 9.71
C ARG B 502 5.60 -29.31 10.36
N SER B 503 6.07 -28.34 9.57
CA SER B 503 6.98 -27.33 10.11
C SER B 503 6.26 -26.41 11.09
N LYS B 504 5.05 -25.98 10.77
CA LYS B 504 4.37 -24.95 11.54
C LYS B 504 3.64 -25.51 12.74
N ILE B 505 3.23 -26.77 12.70
CA ILE B 505 2.48 -27.33 13.81
C ILE B 505 3.34 -27.28 15.06
N ASN B 506 2.70 -27.02 16.20
CA ASN B 506 3.41 -26.88 17.45
C ASN B 506 3.63 -28.26 18.06
N GLU B 507 4.90 -28.66 18.14
CA GLU B 507 5.24 -29.92 18.79
C GLU B 507 4.76 -29.95 20.24
N ARG B 508 4.58 -28.79 20.85
CA ARG B 508 3.96 -28.72 22.16
C ARG B 508 2.60 -29.42 22.17
N SER B 509 1.90 -29.39 21.04
CA SER B 509 0.68 -30.16 20.87
C SER B 509 0.95 -31.61 20.47
N LEU B 510 2.04 -31.84 19.74
CA LEU B 510 2.38 -33.22 19.36
C LEU B 510 2.65 -34.07 20.59
N ALA B 511 3.18 -33.46 21.65
CA ALA B 511 3.43 -34.20 22.87
C ALA B 511 2.14 -34.80 23.41
N LEU B 512 1.08 -34.01 23.46
CA LEU B 512 -0.22 -34.53 23.87
C LEU B 512 -0.72 -35.58 22.90
N LEU B 513 -0.61 -35.31 21.60
CA LEU B 513 -1.13 -36.27 20.62
C LEU B 513 -0.47 -37.63 20.78
N SER B 514 0.86 -37.66 20.81
CA SER B 514 1.55 -38.92 21.01
C SER B 514 1.27 -39.49 22.38
N SER B 515 1.03 -38.63 23.37
CA SER B 515 0.62 -39.11 24.68
C SER B 515 -0.63 -39.96 24.57
N LEU B 516 -1.47 -39.68 23.59
CA LEU B 516 -2.68 -40.47 23.35
C LEU B 516 -2.41 -41.69 22.50
N GLY B 517 -1.18 -41.88 22.00
CA GLY B 517 -0.96 -42.90 21.00
C GLY B 517 -1.49 -42.54 19.63
N CYS B 518 -1.75 -41.26 19.41
CA CYS B 518 -2.20 -40.75 18.12
C CYS B 518 -1.08 -40.63 17.10
N TYR B 519 0.16 -40.51 17.57
CA TYR B 519 1.25 -40.18 16.68
C TYR B 519 2.53 -40.81 17.20
N GLN B 520 3.31 -41.35 16.28
CA GLN B 520 4.68 -41.78 16.58
C GLN B 520 5.57 -41.27 15.46
N ASP B 521 6.75 -40.80 15.81
CA ASP B 521 7.65 -40.22 14.84
C ASP B 521 8.57 -41.27 14.22
N GLY B 522 9.21 -40.88 13.13
CA GLY B 522 10.28 -41.67 12.54
C GLY B 522 9.95 -42.30 11.21
N PHE B 523 8.75 -42.88 11.10
CA PHE B 523 8.34 -43.58 9.86
C PHE B 523 7.73 -42.59 8.87
N ALA B 524 8.45 -41.52 8.53
CA ALA B 524 7.83 -40.48 7.66
C ALA B 524 8.78 -40.04 6.54
N LYS B 525 9.27 -40.97 5.72
CA LYS B 525 10.12 -40.58 4.57
C LYS B 525 9.39 -39.47 3.80
N ASP B 526 10.05 -38.33 3.56
CA ASP B 526 9.39 -37.19 2.89
C ASP B 526 8.83 -37.65 1.54
N GLU B 527 9.56 -38.53 0.86
CA GLU B 527 9.10 -39.06 -0.45
C GLU B 527 9.38 -40.56 -0.52
N ILE B 528 8.67 -41.29 -1.37
CA ILE B 528 8.88 -42.77 -1.52
C ILE B 528 8.80 -43.12 -3.00
N ASN B 529 9.71 -43.98 -3.47
CA ASN B 529 9.74 -44.36 -4.92
C ASN B 529 9.78 -43.08 -5.76
N GLU B 530 10.62 -42.12 -5.37
CA GLU B 530 10.74 -40.84 -6.12
C GLU B 530 9.37 -40.15 -6.16
N LYS B 531 8.55 -40.35 -5.13
CA LYS B 531 7.22 -39.69 -5.05
C LYS B 531 7.00 -39.14 -3.64
N LYS B 532 6.91 -37.82 -3.52
CA LYS B 532 6.72 -37.18 -2.18
C LYS B 532 5.33 -37.55 -1.64
N VAL B 533 5.21 -37.67 -0.31
CA VAL B 533 3.89 -38.01 0.31
C VAL B 533 3.10 -36.71 0.52
N ALA B 534 2.07 -36.50 -0.31
CA ALA B 534 1.23 -35.28 -0.19
C ALA B 534 1.00 -34.97 1.30
N MET B 535 0.68 -35.99 2.09
CA MET B 535 0.43 -35.80 3.55
C MET B 535 0.59 -37.13 4.29
N HIS B 536 0.77 -37.08 5.61
CA HIS B 536 0.90 -38.31 6.44
C HIS B 536 -0.40 -38.54 7.19
N VAL B 537 -0.71 -39.81 7.51
CA VAL B 537 -1.99 -40.13 8.21
C VAL B 537 -1.70 -41.14 9.33
N TYR B 538 -2.24 -40.91 10.52
CA TYR B 538 -2.01 -41.81 11.68
C TYR B 538 -3.34 -42.42 12.12
N GLU B 539 -3.44 -43.74 12.12
CA GLU B 539 -4.74 -44.41 12.43
C GLU B 539 -4.68 -45.11 13.80
N HIS B 540 -5.62 -44.80 14.68
CA HIS B 540 -5.69 -45.42 15.99
C HIS B 540 -7.08 -45.23 16.57
N THR B 541 -7.42 -46.08 17.53
CA THR B 541 -8.62 -45.92 18.33
C THR B 541 -8.18 -46.00 19.79
N THR B 542 -8.27 -44.88 20.49
CA THR B 542 -7.76 -44.79 21.85
C THR B 542 -8.84 -45.16 22.87
N MET B 543 -8.38 -45.62 24.02
CA MET B 543 -9.25 -45.99 25.13
C MET B 543 -9.09 -45.05 26.32
N ILE B 544 -7.98 -44.31 26.39
CA ILE B 544 -7.73 -43.36 27.46
C ILE B 544 -8.49 -42.08 27.17
N ASN B 545 -8.77 -41.31 28.21
CA ASN B 545 -9.49 -40.05 28.07
C ASN B 545 -8.93 -39.03 29.03
N ILE B 546 -8.99 -37.76 28.68
CA ILE B 546 -8.54 -36.72 29.59
C ILE B 546 -9.69 -36.34 30.50
N THR B 547 -9.39 -36.08 31.76
CA THR B 547 -10.40 -35.74 32.75
C THR B 547 -10.35 -34.30 33.22
N ASN B 548 -9.21 -33.64 33.11
CA ASN B 548 -9.10 -32.27 33.60
C ASN B 548 -8.06 -31.54 32.78
N ILE B 549 -8.28 -30.24 32.61
CA ILE B 549 -7.41 -29.37 31.84
C ILE B 549 -7.08 -28.18 32.72
N SER B 550 -5.89 -28.18 33.32
CA SER B 550 -5.47 -27.04 34.10
C SER B 550 -4.89 -25.98 33.17
N GLU B 551 -4.47 -24.85 33.77
CA GLU B 551 -3.98 -23.73 32.98
C GLU B 551 -2.72 -24.10 32.21
N SER B 552 -1.93 -25.06 32.71
CA SER B 552 -0.72 -25.47 32.04
C SER B 552 -0.57 -26.99 31.97
N GLU B 553 -1.45 -27.74 32.61
CA GLU B 553 -1.34 -29.18 32.68
C GLU B 553 -2.66 -29.82 32.27
N VAL B 554 -2.56 -30.96 31.59
CA VAL B 554 -3.72 -31.72 31.15
C VAL B 554 -3.63 -33.11 31.76
N SER B 555 -4.75 -33.60 32.29
CA SER B 555 -4.79 -34.84 33.04
C SER B 555 -5.35 -35.96 32.16
N LEU B 556 -4.52 -36.95 31.86
CA LEU B 556 -4.90 -38.09 31.03
C LEU B 556 -5.06 -39.31 31.92
N GLU B 557 -6.25 -39.91 31.90
CA GLU B 557 -6.56 -41.07 32.72
C GLU B 557 -7.25 -42.14 31.88
N CYS B 558 -6.97 -43.40 32.19
CA CYS B 558 -7.60 -44.53 31.52
C CYS B 558 -8.19 -45.44 32.58
N ASN B 559 -9.51 -45.43 32.71
CA ASN B 559 -10.21 -46.24 33.68
C ASN B 559 -11.37 -46.95 32.99
N GLN B 560 -12.17 -47.66 33.78
CA GLN B 560 -13.34 -48.33 33.23
C GLN B 560 -14.41 -47.36 32.78
N GLY B 561 -14.31 -46.08 33.16
CA GLY B 561 -15.26 -45.09 32.72
C GLY B 561 -14.92 -44.41 31.42
N THR B 562 -13.66 -44.45 31.00
CA THR B 562 -13.28 -43.84 29.73
C THR B 562 -13.81 -44.67 28.57
N VAL B 563 -13.98 -44.02 27.42
CA VAL B 563 -14.67 -44.62 26.29
C VAL B 563 -13.79 -44.57 25.05
N PRO B 564 -13.94 -45.50 24.11
CA PRO B 564 -13.08 -45.51 22.93
C PRO B 564 -13.40 -44.35 21.99
N ILE B 565 -12.37 -43.90 21.27
CA ILE B 565 -12.50 -42.85 20.28
C ILE B 565 -11.71 -43.26 19.05
N GLN B 566 -12.35 -43.25 17.88
CA GLN B 566 -11.68 -43.62 16.63
C GLN B 566 -11.07 -42.37 16.03
N LEU B 567 -9.80 -42.11 16.35
CA LEU B 567 -9.13 -40.93 15.84
C LEU B 567 -8.51 -41.21 14.49
N LEU B 568 -8.19 -40.14 13.77
CA LEU B 568 -7.54 -40.27 12.47
C LEU B 568 -6.77 -38.97 12.23
N PHE B 569 -5.47 -39.00 12.50
CA PHE B 569 -4.64 -37.81 12.50
C PHE B 569 -4.04 -37.64 11.10
N CYS B 570 -4.55 -36.68 10.36
CA CYS B 570 -3.92 -36.29 9.11
C CYS B 570 -2.95 -35.14 9.34
N LEU B 571 -1.81 -35.20 8.67
CA LEU B 571 -0.84 -34.12 8.72
C LEU B 571 -0.37 -33.82 7.31
N LYS B 572 -0.70 -32.63 6.81
CA LYS B 572 -0.09 -32.12 5.61
C LYS B 572 1.32 -31.64 5.94
N GLU B 573 2.06 -31.18 4.94
CA GLU B 573 3.45 -30.78 5.14
C GLU B 573 3.75 -29.35 4.72
N GLN B 574 2.75 -28.58 4.32
CA GLN B 574 3.01 -27.26 3.77
C GLN B 574 1.86 -26.33 4.12
N ASN B 575 2.13 -25.04 4.00
CA ASN B 575 1.07 -24.04 4.09
C ASN B 575 0.03 -24.27 3.00
N GLN B 576 -1.16 -24.68 3.39
CA GLN B 576 -2.31 -24.72 2.51
C GLN B 576 -3.43 -23.96 3.18
N LYS B 577 -3.92 -22.93 2.51
CA LYS B 577 -5.06 -22.20 3.03
C LYS B 577 -6.25 -23.14 3.19
N LYS B 578 -6.94 -23.01 4.33
CA LYS B 578 -7.89 -24.01 4.80
C LYS B 578 -8.85 -24.56 3.76
N ILE B 579 -9.09 -23.79 2.71
CA ILE B 579 -9.87 -24.31 1.59
C ILE B 579 -9.34 -25.66 1.11
N ASN B 580 -8.04 -25.90 1.36
CA ASN B 580 -7.44 -27.20 0.96
C ASN B 580 -7.78 -28.27 2.01
N SER B 581 -7.63 -27.94 3.28
CA SER B 581 -7.88 -28.91 4.34
C SER B 581 -9.26 -29.52 4.18
N HIS B 582 -10.26 -28.67 4.05
CA HIS B 582 -11.63 -29.15 3.93
C HIS B 582 -11.79 -30.06 2.72
N ARG B 583 -11.07 -29.77 1.63
CA ARG B 583 -11.12 -30.66 0.48
C ARG B 583 -10.80 -32.08 0.88
N TRP B 584 -9.67 -32.26 1.54
CA TRP B 584 -9.30 -33.59 1.98
C TRP B 584 -10.36 -34.18 2.88
N ALA B 585 -11.02 -33.34 3.68
CA ALA B 585 -12.09 -33.84 4.54
C ALA B 585 -13.26 -34.33 3.72
N PHE B 586 -13.68 -33.57 2.71
CA PHE B 586 -14.92 -33.85 2.01
C PHE B 586 -14.72 -34.74 0.80
N GLU B 587 -13.99 -34.27 -0.19
CA GLU B 587 -13.80 -35.04 -1.40
C GLU B 587 -12.88 -36.24 -1.19
N GLY B 588 -12.23 -36.32 -0.03
CA GLY B 588 -11.36 -37.42 0.26
C GLY B 588 -12.03 -38.43 1.17
N PHE B 589 -11.73 -38.32 2.47
CA PHE B 589 -12.18 -39.34 3.41
C PHE B 589 -13.68 -39.50 3.41
N ALA B 590 -14.42 -38.38 3.37
CA ALA B 590 -15.88 -38.46 3.42
C ALA B 590 -16.43 -39.24 2.24
N GLU B 591 -15.73 -39.23 1.11
CA GLU B 591 -16.16 -40.08 0.01
C GLU B 591 -15.97 -41.55 0.32
N LEU B 592 -14.89 -41.89 1.03
CA LEU B 592 -14.68 -43.28 1.41
C LEU B 592 -15.71 -43.72 2.44
N LEU B 593 -15.68 -43.10 3.62
CA LEU B 593 -16.52 -43.56 4.71
C LEU B 593 -17.99 -43.36 4.42
N ARG B 594 -18.32 -42.36 3.62
CA ARG B 594 -19.70 -42.00 3.34
C ARG B 594 -20.51 -41.88 4.62
N PRO B 595 -20.14 -40.99 5.53
CA PRO B 595 -20.95 -40.80 6.73
C PRO B 595 -22.22 -40.04 6.38
N ASN B 596 -23.23 -40.23 7.21
CA ASN B 596 -24.43 -39.42 7.06
C ASN B 596 -24.15 -37.96 7.37
N ILE B 597 -23.43 -37.70 8.47
CA ILE B 597 -23.30 -36.37 9.04
C ILE B 597 -21.83 -36.05 9.24
N VAL B 598 -21.42 -34.86 8.81
CA VAL B 598 -20.05 -34.39 9.01
C VAL B 598 -20.11 -33.05 9.73
N THR B 599 -19.37 -32.93 10.82
CA THR B 599 -19.40 -31.73 11.65
C THR B 599 -18.01 -31.10 11.70
N LEU B 600 -17.96 -29.79 11.47
CA LEU B 600 -16.72 -29.03 11.44
C LEU B 600 -16.58 -28.24 12.73
N LEU B 601 -15.43 -28.38 13.37
CA LEU B 601 -15.04 -27.57 14.49
C LEU B 601 -13.85 -26.70 14.11
N ASP B 602 -13.36 -25.95 15.07
CA ASP B 602 -12.06 -25.31 14.98
C ASP B 602 -11.32 -25.59 16.28
N ALA B 603 -10.03 -25.85 16.17
CA ALA B 603 -9.24 -26.16 17.36
C ALA B 603 -9.35 -25.01 18.36
N GLY B 604 -9.45 -25.35 19.64
CA GLY B 604 -9.68 -24.36 20.66
C GLY B 604 -11.12 -24.02 20.89
N THR B 605 -12.05 -24.72 20.25
CA THR B 605 -13.48 -24.50 20.46
C THR B 605 -14.05 -25.70 21.23
N MET B 606 -14.47 -25.44 22.47
CA MET B 606 -14.99 -26.57 23.27
C MET B 606 -16.51 -26.68 23.06
N PRO B 607 -17.01 -27.73 22.38
CA PRO B 607 -18.45 -27.95 22.29
C PRO B 607 -19.02 -28.12 23.68
N GLY B 608 -20.29 -27.80 23.82
CA GLY B 608 -20.97 -28.07 25.08
C GLY B 608 -21.08 -29.56 25.33
N LYS B 609 -21.14 -29.91 26.61
CA LYS B 609 -21.05 -31.31 27.01
C LYS B 609 -22.12 -32.15 26.34
N ASP B 610 -23.26 -31.55 25.99
CA ASP B 610 -24.27 -32.23 25.21
C ASP B 610 -24.59 -31.45 23.94
N SER B 611 -23.73 -30.51 23.55
CA SER B 611 -24.00 -29.73 22.35
C SER B 611 -24.12 -30.61 21.13
N ILE B 612 -23.20 -31.58 21.00
CA ILE B 612 -23.18 -32.41 19.80
C ILE B 612 -24.47 -33.20 19.65
N TYR B 613 -24.91 -33.83 20.74
CA TYR B 613 -26.14 -34.61 20.65
C TYR B 613 -27.33 -33.73 20.32
N GLN B 614 -27.38 -32.54 20.95
CA GLN B 614 -28.46 -31.62 20.65
C GLN B 614 -28.47 -31.26 19.18
N LEU B 615 -27.30 -30.95 18.63
CA LEU B 615 -27.22 -30.60 17.23
C LEU B 615 -27.61 -31.78 16.35
N TRP B 616 -27.20 -32.98 16.74
CA TRP B 616 -27.50 -34.16 15.94
C TRP B 616 -28.98 -34.42 15.87
N ARG B 617 -29.70 -34.17 16.96
CA ARG B 617 -31.13 -34.46 16.98
C ARG B 617 -31.87 -33.71 15.88
N GLU B 618 -31.32 -32.59 15.43
CA GLU B 618 -31.96 -31.82 14.38
C GLU B 618 -32.10 -32.60 13.09
N PHE B 619 -31.11 -33.44 12.75
CA PHE B 619 -31.13 -34.15 11.49
C PHE B 619 -32.08 -35.33 11.49
N ARG B 620 -32.99 -35.40 12.45
CA ARG B 620 -34.14 -36.28 12.28
C ARG B 620 -34.99 -35.80 11.11
N ASN B 621 -35.13 -34.49 10.96
CA ASN B 621 -35.94 -33.92 9.90
C ASN B 621 -35.21 -34.10 8.57
N PRO B 622 -35.77 -34.82 7.60
CA PRO B 622 -35.01 -35.13 6.39
C PRO B 622 -34.57 -33.93 5.58
N ASN B 623 -35.39 -32.89 5.48
CA ASN B 623 -35.03 -31.76 4.62
C ASN B 623 -33.81 -31.01 5.11
N VAL B 624 -33.41 -31.20 6.36
CA VAL B 624 -32.33 -30.39 6.93
C VAL B 624 -31.01 -30.77 6.27
N GLY B 625 -30.28 -29.78 5.77
CA GLY B 625 -29.02 -30.03 5.12
C GLY B 625 -27.85 -29.42 5.86
N GLY B 626 -28.08 -28.28 6.50
CA GLY B 626 -27.03 -27.64 7.27
C GLY B 626 -27.58 -27.08 8.56
N ALA B 627 -26.72 -27.07 9.59
CA ALA B 627 -27.13 -26.54 10.88
C ALA B 627 -25.92 -26.08 11.67
N CYS B 628 -26.15 -25.23 12.67
CA CYS B 628 -25.11 -24.81 13.59
C CYS B 628 -25.71 -24.59 14.97
N GLY B 629 -24.85 -24.13 15.88
CA GLY B 629 -25.27 -23.79 17.22
C GLY B 629 -24.79 -22.40 17.59
N GLU B 630 -25.04 -22.04 18.85
CA GLU B 630 -24.57 -20.78 19.36
C GLU B 630 -23.05 -20.82 19.56
N ILE B 631 -22.43 -19.64 19.54
CA ILE B 631 -21.02 -19.50 19.84
C ILE B 631 -20.86 -18.52 20.99
N ARG B 632 -20.19 -18.96 22.06
CA ARG B 632 -20.03 -18.19 23.28
C ARG B 632 -18.57 -17.87 23.49
N THR B 633 -18.28 -16.60 23.71
CA THR B 633 -16.93 -16.23 24.12
C THR B 633 -16.63 -16.89 25.46
N ASP B 634 -15.50 -17.57 25.56
CA ASP B 634 -15.11 -18.14 26.84
C ASP B 634 -14.68 -17.01 27.76
N LEU B 635 -14.99 -17.14 29.05
CA LEU B 635 -14.61 -16.13 30.02
C LEU B 635 -13.56 -16.62 31.00
N GLY B 636 -13.04 -17.83 30.81
CA GLY B 636 -11.99 -18.30 31.68
C GLY B 636 -12.46 -18.47 33.13
N LYS B 637 -11.51 -18.32 34.04
CA LYS B 637 -11.82 -18.51 35.45
C LYS B 637 -12.58 -17.30 35.99
N ARG B 638 -13.76 -17.56 36.56
CA ARG B 638 -14.53 -16.55 37.29
C ARG B 638 -14.76 -15.31 36.44
N PHE B 639 -15.03 -15.50 35.16
CA PHE B 639 -15.30 -14.41 34.23
C PHE B 639 -14.23 -13.34 34.26
N VAL B 640 -13.01 -13.71 34.65
CA VAL B 640 -11.97 -12.72 34.87
C VAL B 640 -11.68 -11.92 33.61
N LYS B 641 -12.05 -12.45 32.44
CA LYS B 641 -11.78 -11.73 31.20
C LYS B 641 -12.72 -10.57 30.96
N LEU B 642 -13.94 -10.60 31.49
CA LEU B 642 -14.91 -9.55 31.16
C LEU B 642 -14.41 -8.16 31.52
N LEU B 643 -13.52 -8.05 32.50
CA LEU B 643 -13.04 -6.73 32.88
C LEU B 643 -12.38 -6.03 31.72
N ASN B 644 -11.68 -6.79 30.87
CA ASN B 644 -11.19 -6.22 29.63
C ASN B 644 -12.36 -5.73 28.79
N PRO B 645 -12.28 -4.53 28.21
CA PRO B 645 -13.38 -4.02 27.41
C PRO B 645 -13.40 -4.54 25.99
N LEU B 646 -12.35 -5.24 25.56
CA LEU B 646 -12.33 -5.77 24.21
C LEU B 646 -12.84 -7.19 24.12
N VAL B 647 -12.60 -8.01 25.15
CA VAL B 647 -13.25 -9.31 25.19
C VAL B 647 -14.73 -9.15 25.48
N ALA B 648 -15.08 -8.24 26.39
CA ALA B 648 -16.47 -8.07 26.78
C ALA B 648 -17.31 -7.62 25.59
N SER B 649 -16.79 -6.69 24.80
CA SER B 649 -17.57 -6.18 23.68
C SER B 649 -17.87 -7.28 22.68
N GLN B 650 -16.88 -8.12 22.39
CA GLN B 650 -17.15 -9.22 21.47
C GLN B 650 -18.12 -10.22 22.05
N ASN B 651 -18.07 -10.46 23.37
CA ASN B 651 -19.07 -11.31 23.99
C ASN B 651 -20.47 -10.79 23.70
N PHE B 652 -20.68 -9.51 23.94
CA PHE B 652 -22.00 -8.94 23.71
C PHE B 652 -22.39 -9.06 22.25
N GLU B 653 -21.46 -8.80 21.34
CA GLU B 653 -21.81 -8.86 19.93
C GLU B 653 -22.17 -10.28 19.52
N TYR B 654 -21.38 -11.26 19.93
CA TYR B 654 -21.74 -12.64 19.69
C TYR B 654 -23.15 -12.89 20.16
N LYS B 655 -23.46 -12.42 21.36
CA LYS B 655 -24.70 -12.85 22.00
C LYS B 655 -25.90 -12.26 21.27
N MET B 656 -25.85 -10.96 20.95
CA MET B 656 -26.92 -10.39 20.14
C MET B 656 -27.01 -11.03 18.77
N SER B 657 -25.88 -11.32 18.13
CA SER B 657 -25.96 -11.92 16.81
C SER B 657 -26.66 -13.26 16.88
N ASN B 658 -26.25 -14.12 17.82
CA ASN B 658 -26.86 -15.43 17.92
C ASN B 658 -28.32 -15.35 18.34
N ILE B 659 -28.66 -14.39 19.20
CA ILE B 659 -30.06 -14.27 19.60
C ILE B 659 -30.92 -13.80 18.44
N LEU B 660 -30.50 -12.75 17.76
CA LEU B 660 -31.40 -12.13 16.79
C LEU B 660 -31.26 -12.74 15.40
N ASP B 661 -30.08 -12.62 14.82
CA ASP B 661 -29.97 -12.89 13.39
C ASP B 661 -30.12 -14.37 13.09
N LYS B 662 -29.52 -15.22 13.90
CA LYS B 662 -29.67 -16.66 13.65
C LYS B 662 -31.13 -17.07 13.70
N THR B 663 -31.85 -16.65 14.74
CA THR B 663 -33.24 -17.07 14.86
C THR B 663 -34.08 -16.51 13.71
N THR B 664 -33.93 -15.23 13.41
CA THR B 664 -34.74 -14.63 12.35
C THR B 664 -34.47 -15.31 11.02
N GLU B 665 -33.20 -15.53 10.70
CA GLU B 665 -32.88 -16.13 9.41
C GLU B 665 -33.31 -17.59 9.35
N SER B 666 -33.07 -18.34 10.42
CA SER B 666 -33.47 -19.75 10.41
C SER B 666 -34.97 -19.92 10.39
N ASN B 667 -35.72 -18.87 10.74
CA ASN B 667 -37.16 -18.90 10.52
C ASN B 667 -37.46 -19.16 9.05
N PHE B 668 -36.83 -18.40 8.16
CA PHE B 668 -37.11 -18.54 6.74
C PHE B 668 -36.49 -19.81 6.18
N GLY B 669 -35.25 -20.10 6.53
CA GLY B 669 -34.63 -21.31 6.06
C GLY B 669 -33.18 -21.15 5.66
N PHE B 670 -32.75 -19.92 5.40
CA PHE B 670 -31.39 -19.63 4.98
C PHE B 670 -30.64 -18.95 6.09
N ILE B 671 -29.49 -19.51 6.48
CA ILE B 671 -28.63 -18.96 7.52
C ILE B 671 -27.36 -18.51 6.85
N THR B 672 -27.02 -17.23 7.02
CA THR B 672 -26.04 -16.60 6.12
C THR B 672 -24.66 -17.25 6.24
N VAL B 673 -24.18 -17.48 7.45
CA VAL B 673 -22.82 -17.98 7.66
C VAL B 673 -22.87 -19.01 8.77
N LEU B 674 -22.69 -20.26 8.42
CA LEU B 674 -22.56 -21.26 9.45
C LEU B 674 -21.24 -21.01 10.13
N PRO B 675 -21.22 -20.75 11.44
CA PRO B 675 -19.95 -20.46 12.11
C PRO B 675 -18.97 -21.61 11.92
N GLY B 676 -17.86 -21.30 11.24
CA GLY B 676 -16.83 -22.29 11.05
C GLY B 676 -16.26 -22.81 12.35
N ALA B 677 -16.51 -22.11 13.45
CA ALA B 677 -16.19 -22.66 14.76
C ALA B 677 -16.97 -23.93 15.02
N PHE B 678 -18.24 -23.98 14.62
CA PHE B 678 -19.05 -25.16 14.91
C PHE B 678 -20.21 -25.22 13.92
N SER B 679 -20.22 -26.24 13.07
CA SER B 679 -21.30 -26.39 12.10
C SER B 679 -21.40 -27.85 11.71
N ALA B 680 -22.48 -28.19 11.01
CA ALA B 680 -22.72 -29.58 10.65
C ALA B 680 -23.49 -29.66 9.35
N TYR B 681 -23.10 -30.60 8.51
CA TYR B 681 -23.64 -30.77 7.18
C TYR B 681 -24.06 -32.22 6.95
N ARG B 682 -25.29 -32.38 6.47
CA ARG B 682 -25.76 -33.64 5.92
C ARG B 682 -24.96 -33.95 4.67
N PHE B 683 -24.16 -35.02 4.70
CA PHE B 683 -23.19 -35.24 3.62
C PHE B 683 -23.87 -35.35 2.27
N GLU B 684 -24.91 -36.17 2.17
CA GLU B 684 -25.55 -36.42 0.86
C GLU B 684 -25.95 -35.10 0.21
N ALA B 685 -26.48 -34.14 0.98
CA ALA B 685 -26.96 -32.90 0.41
C ALA B 685 -25.84 -32.10 -0.24
N VAL B 686 -24.69 -31.99 0.44
CA VAL B 686 -23.60 -31.15 -0.08
C VAL B 686 -22.80 -31.83 -1.19
N ARG B 687 -23.15 -33.04 -1.58
CA ARG B 687 -22.40 -33.70 -2.64
C ARG B 687 -22.76 -33.16 -4.01
N GLY B 688 -21.76 -33.13 -4.89
CA GLY B 688 -21.98 -32.75 -6.28
C GLY B 688 -21.62 -31.31 -6.60
N GLN B 689 -22.65 -30.53 -6.94
CA GLN B 689 -22.46 -29.11 -7.19
C GLN B 689 -21.86 -28.34 -6.02
N PRO B 690 -22.28 -28.53 -4.76
CA PRO B 690 -21.81 -27.62 -3.70
C PRO B 690 -20.30 -27.62 -3.56
N LEU B 691 -19.71 -28.81 -3.41
CA LEU B 691 -18.26 -28.89 -3.23
C LEU B 691 -17.54 -28.37 -4.45
N GLN B 692 -18.09 -28.60 -5.64
CA GLN B 692 -17.46 -28.13 -6.87
C GLN B 692 -17.33 -26.63 -6.86
N LYS B 693 -18.43 -25.92 -6.63
CA LYS B 693 -18.32 -24.47 -6.58
C LYS B 693 -17.59 -24.00 -5.34
N TYR B 694 -17.47 -24.84 -4.32
CA TYR B 694 -16.74 -24.45 -3.13
C TYR B 694 -15.23 -24.53 -3.34
N PHE B 695 -14.78 -25.44 -4.20
CA PHE B 695 -13.35 -25.70 -4.31
C PHE B 695 -12.73 -25.12 -5.58
N TYR B 696 -13.48 -25.07 -6.68
CA TYR B 696 -12.90 -24.74 -7.98
C TYR B 696 -13.46 -23.47 -8.60
N GLY B 697 -14.37 -22.77 -7.93
CA GLY B 697 -14.93 -21.56 -8.46
C GLY B 697 -15.91 -21.84 -9.59
N PHE B 705 -10.22 -12.51 -16.72
CA PHE B 705 -10.81 -12.60 -15.38
C PHE B 705 -12.19 -11.98 -15.37
N HIS B 706 -13.12 -12.65 -14.72
CA HIS B 706 -14.44 -12.10 -14.45
C HIS B 706 -14.66 -12.02 -12.95
N PHE B 707 -15.42 -11.01 -12.55
CA PHE B 707 -15.55 -10.59 -11.16
C PHE B 707 -15.92 -11.72 -10.22
N PHE B 708 -17.11 -12.29 -10.40
CA PHE B 708 -17.61 -13.30 -9.48
C PHE B 708 -16.70 -14.53 -9.47
N SER B 709 -16.39 -15.03 -10.66
CA SER B 709 -15.65 -16.29 -10.76
C SER B 709 -14.27 -16.18 -10.12
N SER B 710 -13.62 -15.04 -10.24
CA SER B 710 -12.28 -14.88 -9.73
C SER B 710 -12.23 -14.22 -8.37
N ASN B 711 -13.38 -13.92 -7.77
CA ASN B 711 -13.38 -13.31 -6.46
C ASN B 711 -14.08 -14.12 -5.39
N MET B 712 -14.93 -15.09 -5.75
CA MET B 712 -15.75 -15.74 -4.74
C MET B 712 -14.94 -16.44 -3.67
N TYR B 713 -13.63 -16.59 -3.82
CA TYR B 713 -12.89 -17.35 -2.81
C TYR B 713 -12.84 -16.60 -1.48
N LEU B 714 -13.20 -15.32 -1.47
CA LEU B 714 -13.23 -14.56 -0.22
C LEU B 714 -14.47 -14.81 0.59
N ALA B 715 -15.45 -15.49 0.01
CA ALA B 715 -16.68 -15.84 0.69
C ALA B 715 -16.73 -17.33 0.90
N GLU B 716 -15.57 -17.90 1.23
CA GLU B 716 -15.31 -19.33 1.13
C GLU B 716 -16.45 -20.19 1.68
N ASP B 717 -16.74 -20.05 2.97
CA ASP B 717 -17.72 -20.94 3.57
C ASP B 717 -19.14 -20.59 3.15
N ARG B 718 -19.46 -19.31 3.03
CA ARG B 718 -20.84 -18.91 2.86
C ARG B 718 -21.42 -19.29 1.51
N ILE B 719 -20.55 -19.62 0.56
CA ILE B 719 -21.02 -20.04 -0.80
C ILE B 719 -21.80 -21.35 -0.66
N LEU B 720 -21.24 -22.33 0.05
CA LEU B 720 -21.89 -23.61 0.23
C LEU B 720 -23.30 -23.40 0.72
N CYS B 721 -23.43 -22.61 1.78
CA CYS B 721 -24.73 -22.21 2.30
C CYS B 721 -25.68 -21.89 1.15
N PHE B 722 -25.33 -20.88 0.36
CA PHE B 722 -26.21 -20.44 -0.71
C PHE B 722 -26.61 -21.60 -1.59
N GLU B 723 -25.63 -22.34 -2.08
CA GLU B 723 -25.97 -23.32 -3.10
C GLU B 723 -26.84 -24.43 -2.53
N VAL B 724 -26.61 -24.80 -1.26
CA VAL B 724 -27.37 -25.90 -0.70
C VAL B 724 -28.84 -25.54 -0.59
N VAL B 725 -29.13 -24.26 -0.36
CA VAL B 725 -30.53 -23.84 -0.36
C VAL B 725 -31.09 -23.89 -1.77
N THR B 726 -30.29 -23.52 -2.76
CA THR B 726 -30.77 -23.32 -4.12
C THR B 726 -30.54 -24.52 -5.01
N LYS B 727 -30.33 -25.70 -4.44
CA LYS B 727 -30.03 -26.87 -5.27
C LYS B 727 -31.23 -27.24 -6.12
N LYS B 728 -30.99 -27.43 -7.42
CA LYS B 728 -32.05 -27.71 -8.36
C LYS B 728 -32.77 -29.01 -8.00
N ASN B 729 -34.10 -28.98 -8.11
CA ASN B 729 -34.92 -30.17 -7.90
C ASN B 729 -34.74 -30.71 -6.49
N CYS B 730 -34.20 -29.90 -5.60
CA CYS B 730 -33.90 -30.32 -4.24
C CYS B 730 -34.35 -29.22 -3.29
N ASN B 731 -34.80 -29.64 -2.12
CA ASN B 731 -35.45 -28.75 -1.19
C ASN B 731 -34.73 -28.72 0.15
N TRP B 732 -33.40 -28.68 0.14
CA TRP B 732 -32.67 -28.61 1.39
C TRP B 732 -32.87 -27.25 2.05
N ILE B 733 -32.85 -27.25 3.39
CA ILE B 733 -33.00 -26.04 4.19
C ILE B 733 -31.92 -26.04 5.25
N LEU B 734 -31.79 -24.90 5.92
CA LEU B 734 -30.82 -24.72 6.99
C LEU B 734 -31.52 -24.30 8.28
N LYS B 735 -30.98 -24.74 9.40
CA LYS B 735 -31.63 -24.57 10.69
C LYS B 735 -30.60 -24.15 11.74
N TYR B 736 -31.03 -23.34 12.69
CA TYR B 736 -30.19 -22.90 13.80
C TYR B 736 -30.74 -23.49 15.09
N CYS B 737 -30.04 -24.47 15.65
CA CYS B 737 -30.52 -25.19 16.82
C CYS B 737 -29.98 -24.53 18.07
N ARG B 738 -30.85 -23.81 18.78
CA ARG B 738 -30.43 -23.04 19.93
C ARG B 738 -29.93 -23.91 21.08
N SER B 739 -30.23 -25.20 21.06
CA SER B 739 -29.91 -26.07 22.19
C SER B 739 -28.48 -26.56 22.17
N SER B 740 -27.68 -26.17 21.18
CA SER B 740 -26.30 -26.58 21.09
C SER B 740 -25.42 -25.35 21.00
N TYR B 741 -24.29 -25.38 21.70
CA TYR B 741 -23.41 -24.23 21.77
C TYR B 741 -21.96 -24.69 21.80
N ALA B 742 -21.08 -23.77 21.42
CA ALA B 742 -19.65 -24.02 21.48
C ALA B 742 -18.98 -22.78 22.04
N SER B 743 -18.02 -22.98 22.95
CA SER B 743 -17.36 -21.89 23.65
C SER B 743 -15.95 -21.73 23.12
N THR B 744 -15.64 -20.54 22.61
CA THR B 744 -14.34 -20.23 22.05
C THR B 744 -13.81 -18.92 22.61
N ASP B 745 -12.60 -18.59 22.20
CA ASP B 745 -11.90 -17.39 22.65
C ASP B 745 -11.86 -16.34 21.54
N VAL B 746 -11.59 -15.11 21.95
CA VAL B 746 -11.55 -13.97 21.02
C VAL B 746 -10.26 -13.21 21.27
N PRO B 747 -9.77 -12.49 20.26
CA PRO B 747 -8.51 -11.77 20.43
C PRO B 747 -8.58 -10.72 21.51
N GLU B 748 -7.44 -10.47 22.15
CA GLU B 748 -7.35 -9.52 23.24
C GLU B 748 -6.76 -8.17 22.86
N ARG B 749 -5.84 -8.12 21.92
CA ARG B 749 -5.28 -6.86 21.51
C ARG B 749 -5.94 -6.40 20.22
N VAL B 750 -5.93 -5.09 20.01
CA VAL B 750 -6.58 -4.50 18.84
C VAL B 750 -5.96 -4.96 17.52
N PRO B 751 -4.63 -5.06 17.39
CA PRO B 751 -4.09 -5.50 16.08
C PRO B 751 -4.66 -6.81 15.57
N GLU B 752 -4.44 -7.92 16.27
CA GLU B 752 -4.93 -9.20 15.74
C GLU B 752 -6.44 -9.22 15.67
N PHE B 753 -7.12 -8.47 16.52
CA PHE B 753 -8.55 -8.33 16.37
C PHE B 753 -8.93 -7.73 15.02
N ILE B 754 -8.22 -6.68 14.60
CA ILE B 754 -8.51 -6.08 13.31
C ILE B 754 -8.17 -7.06 12.19
N LEU B 755 -7.03 -7.74 12.30
CA LEU B 755 -6.68 -8.74 11.31
C LEU B 755 -7.65 -9.91 11.30
N GLN B 756 -8.50 -10.03 12.32
CA GLN B 756 -9.56 -11.02 12.25
C GLN B 756 -10.76 -10.46 11.50
N ARG B 757 -11.33 -9.36 11.98
CA ARG B 757 -12.56 -8.86 11.37
C ARG B 757 -12.38 -8.45 9.91
N ARG B 758 -11.14 -8.18 9.51
CA ARG B 758 -10.89 -7.85 8.08
C ARG B 758 -11.28 -9.05 7.21
N ARG B 759 -11.43 -10.23 7.84
CA ARG B 759 -11.77 -11.46 7.08
C ARG B 759 -13.30 -11.60 6.99
N TRP B 760 -14.01 -11.35 8.09
CA TRP B 760 -15.45 -11.55 8.10
C TRP B 760 -16.16 -10.47 7.30
N LEU B 761 -15.70 -9.22 7.40
CA LEU B 761 -16.39 -8.18 6.65
C LEU B 761 -16.37 -8.48 5.16
N ASN B 762 -15.20 -8.80 4.62
CA ASN B 762 -15.13 -9.12 3.20
C ASN B 762 -15.91 -10.38 2.88
N GLY B 763 -15.80 -11.40 3.72
CA GLY B 763 -16.51 -12.63 3.44
C GLY B 763 -18.00 -12.42 3.34
N SER B 764 -18.57 -11.77 4.36
CA SER B 764 -20.00 -11.51 4.34
C SER B 764 -20.39 -10.61 3.17
N PHE B 765 -19.57 -9.61 2.87
CA PHE B 765 -19.94 -8.66 1.84
C PHE B 765 -19.99 -9.33 0.47
N PHE B 766 -18.93 -10.06 0.11
CA PHE B 766 -18.89 -10.78 -1.16
C PHE B 766 -19.95 -11.86 -1.24
N ALA B 767 -20.17 -12.63 -0.18
CA ALA B 767 -21.27 -13.58 -0.24
C ALA B 767 -22.59 -12.85 -0.44
N SER B 768 -22.78 -11.71 0.23
CA SER B 768 -24.03 -10.97 0.09
C SER B 768 -24.27 -10.57 -1.35
N VAL B 769 -23.26 -9.94 -1.97
CA VAL B 769 -23.41 -9.49 -3.34
C VAL B 769 -23.64 -10.69 -4.24
N TYR B 770 -22.83 -11.74 -4.08
CA TYR B 770 -22.92 -12.88 -4.97
C TYR B 770 -24.29 -13.54 -4.88
N SER B 771 -24.76 -13.75 -3.66
CA SER B 771 -26.07 -14.37 -3.49
C SER B 771 -27.14 -13.52 -4.14
N PHE B 772 -27.19 -12.23 -3.79
CA PHE B 772 -28.29 -11.41 -4.29
C PHE B 772 -28.22 -11.29 -5.80
N CYS B 773 -27.02 -11.31 -6.37
CA CYS B 773 -26.91 -11.27 -7.81
C CYS B 773 -27.41 -12.55 -8.46
N HIS B 774 -27.53 -13.63 -7.70
CA HIS B 774 -27.99 -14.90 -8.23
C HIS B 774 -29.18 -15.41 -7.44
N PHE B 775 -30.06 -14.50 -7.03
CA PHE B 775 -31.25 -14.93 -6.31
C PHE B 775 -32.17 -15.73 -7.20
N TYR B 776 -32.19 -15.46 -8.51
CA TYR B 776 -33.17 -16.11 -9.37
C TYR B 776 -32.95 -17.60 -9.45
N ARG B 777 -31.80 -18.09 -9.00
CA ARG B 777 -31.57 -19.52 -8.97
C ARG B 777 -32.49 -20.23 -7.99
N VAL B 778 -33.06 -19.52 -7.02
CA VAL B 778 -33.86 -20.20 -6.00
C VAL B 778 -35.09 -20.83 -6.62
N TRP B 779 -35.78 -20.11 -7.50
CA TRP B 779 -37.04 -20.60 -8.02
C TRP B 779 -36.88 -21.86 -8.84
N SER B 780 -35.69 -22.12 -9.33
CA SER B 780 -35.40 -23.30 -10.12
C SER B 780 -34.98 -24.49 -9.26
N SER B 781 -35.04 -24.35 -7.95
CA SER B 781 -34.79 -25.47 -7.05
C SER B 781 -36.07 -26.26 -6.87
N GLY B 782 -36.06 -27.22 -5.93
CA GLY B 782 -37.19 -28.08 -5.69
C GLY B 782 -38.13 -27.68 -4.58
N HIS B 783 -37.97 -26.49 -4.00
CA HIS B 783 -38.81 -26.11 -2.87
C HIS B 783 -40.23 -25.81 -3.34
N ASN B 784 -41.14 -25.78 -2.37
CA ASN B 784 -42.53 -25.42 -2.62
C ASN B 784 -42.64 -23.92 -2.81
N ILE B 785 -43.76 -23.50 -3.40
CA ILE B 785 -43.91 -22.10 -3.80
C ILE B 785 -43.87 -21.18 -2.58
N GLY B 786 -44.56 -21.55 -1.51
CA GLY B 786 -44.53 -20.73 -0.31
C GLY B 786 -43.13 -20.57 0.25
N ARG B 787 -42.40 -21.68 0.34
CA ARG B 787 -41.02 -21.61 0.81
C ARG B 787 -40.17 -20.75 -0.12
N LYS B 788 -40.37 -20.88 -1.42
CA LYS B 788 -39.63 -20.07 -2.36
C LYS B 788 -39.89 -18.58 -2.15
N LEU B 789 -41.15 -18.22 -1.94
CA LEU B 789 -41.46 -16.82 -1.67
C LEU B 789 -40.78 -16.35 -0.40
N LEU B 790 -40.82 -17.15 0.66
CA LEU B 790 -40.18 -16.76 1.91
C LEU B 790 -38.69 -16.57 1.71
N LEU B 791 -38.05 -17.48 0.98
CA LEU B 791 -36.63 -17.32 0.71
C LEU B 791 -36.36 -16.04 -0.03
N THR B 792 -37.21 -15.71 -1.00
CA THR B 792 -37.00 -14.47 -1.75
C THR B 792 -37.06 -13.27 -0.83
N VAL B 793 -38.04 -13.24 0.07
CA VAL B 793 -38.15 -12.12 0.99
C VAL B 793 -36.92 -12.06 1.88
N GLU B 794 -36.44 -13.21 2.35
CA GLU B 794 -35.25 -13.21 3.20
C GLU B 794 -34.05 -12.68 2.45
N PHE B 795 -33.88 -13.07 1.19
CA PHE B 795 -32.76 -12.55 0.43
C PHE B 795 -32.87 -11.04 0.28
N PHE B 796 -34.06 -10.53 -0.01
CA PHE B 796 -34.19 -9.08 -0.18
C PHE B 796 -33.91 -8.34 1.12
N TYR B 797 -34.40 -8.87 2.23
CA TYR B 797 -34.09 -8.25 3.50
C TYR B 797 -32.59 -8.29 3.79
N LEU B 798 -31.94 -9.42 3.51
CA LEU B 798 -30.51 -9.52 3.76
C LEU B 798 -29.73 -8.52 2.91
N PHE B 799 -30.05 -8.46 1.62
CA PHE B 799 -29.43 -7.47 0.76
C PHE B 799 -29.67 -6.07 1.30
N PHE B 800 -30.84 -5.85 1.89
CA PHE B 800 -31.11 -4.56 2.48
C PHE B 800 -30.13 -4.24 3.60
N ASN B 801 -29.84 -5.23 4.45
CA ASN B 801 -28.86 -4.97 5.50
C ASN B 801 -27.46 -4.74 4.94
N THR B 802 -27.10 -5.43 3.86
CA THR B 802 -25.81 -5.12 3.26
C THR B 802 -25.78 -3.69 2.78
N LEU B 803 -26.88 -3.22 2.20
CA LEU B 803 -26.95 -1.83 1.75
C LEU B 803 -26.79 -0.86 2.91
N ILE B 804 -27.41 -1.16 4.05
CA ILE B 804 -27.29 -0.26 5.18
C ILE B 804 -25.88 -0.28 5.74
N SER B 805 -25.30 -1.47 5.87
CA SER B 805 -23.95 -1.53 6.40
C SER B 805 -22.94 -0.86 5.47
N TRP B 806 -23.24 -0.77 4.19
CA TRP B 806 -22.36 -0.10 3.25
C TRP B 806 -22.37 1.41 3.43
N PHE B 807 -23.51 1.97 3.83
CA PHE B 807 -23.62 3.38 4.16
C PHE B 807 -23.43 3.63 5.65
N SER B 808 -22.68 2.76 6.32
CA SER B 808 -22.43 2.98 7.73
C SER B 808 -21.67 4.26 7.97
N LEU B 809 -20.61 4.48 7.20
CA LEU B 809 -19.64 5.55 7.51
C LEU B 809 -20.29 6.91 7.47
N SER B 810 -20.94 7.24 6.35
CA SER B 810 -21.55 8.56 6.23
C SER B 810 -22.64 8.72 7.26
N SER B 811 -23.41 7.66 7.50
CA SER B 811 -24.48 7.74 8.47
C SER B 811 -23.94 8.10 9.85
N PHE B 812 -22.85 7.45 10.26
CA PHE B 812 -22.31 7.74 11.58
C PHE B 812 -21.81 9.18 11.66
N PHE B 813 -20.97 9.59 10.72
CA PHE B 813 -20.44 10.93 10.84
C PHE B 813 -21.56 11.95 10.76
N LEU B 814 -22.51 11.74 9.85
CA LEU B 814 -23.57 12.71 9.67
C LEU B 814 -24.42 12.86 10.93
N VAL B 815 -24.77 11.74 11.56
CA VAL B 815 -25.48 11.84 12.82
C VAL B 815 -24.65 12.63 13.80
N PHE B 816 -23.35 12.30 13.89
CA PHE B 816 -22.50 12.98 14.85
C PHE B 816 -22.52 14.48 14.62
N ARG B 817 -22.23 14.88 13.39
CA ARG B 817 -22.07 16.29 13.12
C ARG B 817 -23.36 17.04 13.36
N ILE B 818 -24.49 16.48 12.91
CA ILE B 818 -25.74 17.19 13.05
C ILE B 818 -26.07 17.40 14.51
N LEU B 819 -25.89 16.36 15.31
CA LEU B 819 -26.21 16.50 16.72
C LEU B 819 -25.32 17.54 17.38
N THR B 820 -24.01 17.47 17.12
CA THR B 820 -23.09 18.40 17.78
C THR B 820 -23.41 19.83 17.41
N VAL B 821 -23.56 20.10 16.12
CA VAL B 821 -23.81 21.46 15.68
C VAL B 821 -25.11 21.98 16.27
N SER B 822 -26.16 21.16 16.24
CA SER B 822 -27.45 21.63 16.72
C SER B 822 -27.38 22.01 18.20
N ILE B 823 -26.71 21.22 19.02
CA ILE B 823 -26.67 21.56 20.44
C ILE B 823 -25.87 22.83 20.68
N ALA B 824 -24.69 22.94 20.07
CA ALA B 824 -23.91 24.15 20.28
C ALA B 824 -24.68 25.38 19.81
N LEU B 825 -25.30 25.30 18.64
CA LEU B 825 -26.13 26.39 18.17
C LEU B 825 -27.24 26.72 19.14
N ALA B 826 -27.84 25.70 19.73
CA ALA B 826 -28.99 25.92 20.58
C ALA B 826 -28.63 26.60 21.89
N TYR B 827 -27.41 26.37 22.40
CA TYR B 827 -27.07 26.89 23.71
C TYR B 827 -25.85 27.80 23.75
N HIS B 828 -24.98 27.73 22.75
CA HIS B 828 -23.96 28.76 22.54
C HIS B 828 -22.90 28.82 23.64
N SER B 829 -23.05 28.06 24.70
CA SER B 829 -22.24 28.35 25.86
C SER B 829 -20.79 27.93 25.63
N ALA B 830 -20.54 26.64 25.59
CA ALA B 830 -19.19 26.13 25.40
C ALA B 830 -19.12 24.96 24.45
N PHE B 831 -20.23 24.52 23.89
CA PHE B 831 -20.29 23.34 23.04
C PHE B 831 -19.76 23.62 21.67
N ASN B 832 -19.23 24.84 21.65
CA ASN B 832 -18.93 25.57 20.43
C ASN B 832 -17.58 25.14 19.90
N VAL B 833 -16.52 25.47 20.65
CA VAL B 833 -15.20 24.94 20.36
C VAL B 833 -15.22 23.43 20.49
N LEU B 834 -16.13 22.88 21.29
CA LEU B 834 -16.29 21.43 21.29
C LEU B 834 -16.68 20.93 19.93
N SER B 835 -17.62 21.60 19.27
CA SER B 835 -17.98 21.21 17.92
C SER B 835 -16.74 21.18 17.03
N VAL B 836 -16.00 22.29 17.02
CA VAL B 836 -14.85 22.36 16.12
C VAL B 836 -13.78 21.34 16.50
N ILE B 837 -13.47 21.21 17.79
CA ILE B 837 -12.42 20.29 18.21
C ILE B 837 -12.78 18.88 17.81
N PHE B 838 -14.01 18.48 18.08
CA PHE B 838 -14.38 17.10 17.80
C PHE B 838 -14.40 16.85 16.30
N LEU B 839 -14.85 17.83 15.52
CA LEU B 839 -14.79 17.65 14.08
C LEU B 839 -13.35 17.40 13.64
N TRP B 840 -12.41 18.17 14.17
CA TRP B 840 -11.03 17.99 13.77
C TRP B 840 -10.50 16.64 14.21
N LEU B 841 -10.86 16.21 15.41
CA LEU B 841 -10.41 14.90 15.87
C LEU B 841 -10.94 13.81 14.96
N TYR B 842 -12.20 13.95 14.54
CA TYR B 842 -12.76 12.98 13.62
C TYR B 842 -11.97 12.94 12.32
N GLY B 843 -11.68 14.11 11.76
CA GLY B 843 -10.97 14.15 10.49
C GLY B 843 -9.60 13.50 10.60
N ILE B 844 -8.85 13.88 11.63
CA ILE B 844 -7.50 13.33 11.79
C ILE B 844 -7.57 11.83 11.97
N CYS B 845 -8.48 11.35 12.81
CA CYS B 845 -8.56 9.93 13.09
C CYS B 845 -8.93 9.14 11.85
N THR B 846 -9.90 9.63 11.08
CA THR B 846 -10.30 8.91 9.88
C THR B 846 -9.19 8.88 8.85
N LEU B 847 -8.61 10.05 8.57
CA LEU B 847 -7.51 10.13 7.57
C LEU B 847 -6.38 9.19 7.98
N SER B 848 -5.92 9.29 9.23
CA SER B 848 -4.81 8.48 9.69
C SER B 848 -5.15 7.01 9.59
N THR B 849 -6.40 6.65 9.90
CA THR B 849 -6.80 5.26 9.77
C THR B 849 -6.72 4.80 8.33
N PHE B 850 -7.17 5.62 7.39
CA PHE B 850 -6.98 5.28 5.99
C PHE B 850 -5.53 4.93 5.72
N ILE B 851 -4.64 5.89 5.91
CA ILE B 851 -3.30 5.75 5.39
C ILE B 851 -2.57 4.62 6.10
N LEU B 852 -2.76 4.50 7.41
CA LEU B 852 -2.15 3.39 8.13
C LEU B 852 -2.67 2.06 7.63
N SER B 853 -3.98 1.98 7.35
CA SER B 853 -4.51 0.74 6.81
C SER B 853 -3.87 0.41 5.47
N LEU B 854 -3.87 1.38 4.56
CA LEU B 854 -3.47 1.09 3.20
C LEU B 854 -1.99 0.76 3.10
N GLY B 855 -1.14 1.59 3.67
CA GLY B 855 0.28 1.41 3.48
C GLY B 855 0.88 0.53 4.54
N ASN B 856 0.54 0.77 5.78
CA ASN B 856 1.17 0.11 6.90
C ASN B 856 0.46 -1.19 7.22
N LYS B 857 0.80 -1.76 8.35
CA LYS B 857 0.15 -2.95 8.89
C LYS B 857 -0.34 -2.66 10.30
N PRO B 858 -1.36 -3.38 10.74
CA PRO B 858 -1.85 -3.15 12.10
C PRO B 858 -0.81 -3.41 13.17
N LYS B 859 -0.10 -4.54 13.08
CA LYS B 859 0.76 -4.93 14.18
C LYS B 859 1.93 -3.96 14.36
N SER B 860 2.34 -3.29 13.29
CA SER B 860 3.46 -2.35 13.39
C SER B 860 3.12 -1.22 14.34
N THR B 861 1.92 -0.67 14.23
CA THR B 861 1.53 0.49 15.04
C THR B 861 0.32 0.09 15.87
N GLU B 862 0.58 -0.61 16.97
CA GLU B 862 -0.53 -0.91 17.87
C GLU B 862 -0.93 0.32 18.65
N LYS B 863 0.06 1.08 19.12
CA LYS B 863 -0.23 2.17 20.04
C LYS B 863 -1.19 3.16 19.41
N PHE B 864 -1.01 3.46 18.13
CA PHE B 864 -1.90 4.43 17.52
C PHE B 864 -3.32 3.90 17.42
N TYR B 865 -3.51 2.64 17.01
CA TYR B 865 -4.85 2.09 16.98
C TYR B 865 -5.52 2.10 18.35
N VAL B 866 -4.78 1.76 19.39
CA VAL B 866 -5.36 1.86 20.72
C VAL B 866 -5.83 3.28 20.97
N LEU B 867 -5.02 4.25 20.57
CA LEU B 867 -5.42 5.64 20.70
C LEU B 867 -6.67 5.94 19.86
N THR B 868 -6.72 5.38 18.65
CA THR B 868 -7.85 5.64 17.77
C THR B 868 -9.15 5.18 18.38
N CYS B 869 -9.17 3.95 18.89
CA CYS B 869 -10.37 3.44 19.52
C CYS B 869 -10.76 4.29 20.71
N VAL B 870 -9.78 4.74 21.50
CA VAL B 870 -10.09 5.55 22.66
C VAL B 870 -10.71 6.88 22.23
N ILE B 871 -10.15 7.52 21.20
CA ILE B 871 -10.66 8.81 20.76
C ILE B 871 -12.09 8.67 20.29
N PHE B 872 -12.36 7.64 19.49
CA PHE B 872 -13.72 7.41 19.05
C PHE B 872 -14.64 7.13 20.23
N ALA B 873 -14.10 6.47 21.26
CA ALA B 873 -14.92 6.20 22.43
C ALA B 873 -15.35 7.49 23.11
N VAL B 874 -14.40 8.40 23.36
CA VAL B 874 -14.78 9.64 24.02
C VAL B 874 -15.71 10.44 23.13
N MET B 875 -15.56 10.33 21.82
CA MET B 875 -16.50 10.98 20.93
C MET B 875 -17.90 10.45 21.18
N MET B 876 -18.04 9.14 21.30
CA MET B 876 -19.35 8.58 21.59
C MET B 876 -19.89 9.07 22.92
N ILE B 877 -19.03 9.16 23.93
CA ILE B 877 -19.49 9.66 25.22
C ILE B 877 -20.03 11.06 25.05
N TYR B 878 -19.31 11.90 24.33
CA TYR B 878 -19.78 13.26 24.12
C TYR B 878 -21.10 13.27 23.37
N MET B 879 -21.22 12.48 22.32
CA MET B 879 -22.46 12.44 21.58
C MET B 879 -23.61 12.12 22.50
N ILE B 880 -23.43 11.08 23.32
CA ILE B 880 -24.49 10.64 24.22
C ILE B 880 -24.83 11.75 25.19
N PHE B 881 -23.82 12.43 25.72
CA PHE B 881 -24.08 13.49 26.66
C PHE B 881 -24.92 14.60 26.04
N CYS B 882 -24.59 14.98 24.81
CA CYS B 882 -25.40 15.98 24.13
C CYS B 882 -26.81 15.48 23.89
N SER B 883 -26.95 14.22 23.48
CA SER B 883 -28.27 13.68 23.20
C SER B 883 -29.16 13.74 24.43
N ILE B 884 -28.65 13.25 25.56
CA ILE B 884 -29.45 13.26 26.77
C ILE B 884 -29.70 14.70 27.22
N PHE B 885 -28.72 15.58 27.01
CA PHE B 885 -28.87 16.97 27.45
C PHE B 885 -30.02 17.64 26.72
N MET B 886 -30.02 17.55 25.39
CA MET B 886 -31.12 18.11 24.62
C MET B 886 -32.44 17.45 24.98
N SER B 887 -32.44 16.14 25.17
CA SER B 887 -33.69 15.49 25.56
C SER B 887 -34.21 16.07 26.86
N VAL B 888 -33.33 16.25 27.84
CA VAL B 888 -33.74 16.74 29.15
C VAL B 888 -34.28 18.15 29.04
N LYS B 889 -33.55 19.03 28.35
CA LYS B 889 -34.01 20.40 28.23
C LYS B 889 -35.32 20.49 27.45
N SER B 890 -35.44 19.71 26.38
CA SER B 890 -36.67 19.75 25.59
C SER B 890 -37.85 19.26 26.41
N PHE B 891 -37.65 18.22 27.22
CA PHE B 891 -38.76 17.71 28.03
C PHE B 891 -39.11 18.69 29.14
N GLN B 892 -38.11 19.37 29.71
CA GLN B 892 -38.41 20.43 30.66
C GLN B 892 -39.18 21.55 29.97
N ASN B 893 -38.78 21.90 28.74
CA ASN B 893 -39.46 22.96 28.01
C ASN B 893 -40.91 22.58 27.73
N ALA B 910 -38.43 16.26 16.84
CA ALA B 910 -37.48 15.26 16.40
C ALA B 910 -36.74 14.66 17.59
N PHE B 911 -36.58 15.42 18.66
CA PHE B 911 -35.84 14.91 19.81
C PHE B 911 -36.71 14.10 20.74
N ARG B 912 -38.00 14.43 20.84
CA ARG B 912 -38.94 13.47 21.38
C ARG B 912 -38.89 12.19 20.57
N ASP B 913 -38.71 12.32 19.26
CA ASP B 913 -38.64 11.15 18.40
C ASP B 913 -37.39 10.34 18.66
N ILE B 914 -36.25 11.00 18.89
CA ILE B 914 -35.02 10.24 19.10
C ILE B 914 -35.06 9.51 20.43
N VAL B 915 -35.59 10.15 21.47
CA VAL B 915 -35.69 9.44 22.75
C VAL B 915 -36.66 8.28 22.63
N ILE B 916 -37.75 8.46 21.89
CA ILE B 916 -38.68 7.36 21.66
C ILE B 916 -37.97 6.20 20.95
N SER B 917 -37.25 6.51 19.88
CA SER B 917 -36.63 5.47 19.07
C SER B 917 -35.56 4.72 19.85
N LEU B 918 -34.71 5.45 20.58
CA LEU B 918 -33.63 4.77 21.31
C LEU B 918 -34.17 3.99 22.50
N GLY B 919 -35.12 4.56 23.24
CA GLY B 919 -35.75 3.78 24.28
C GLY B 919 -36.39 2.52 23.74
N SER B 920 -37.03 2.63 22.57
CA SER B 920 -37.66 1.48 21.96
C SER B 920 -36.64 0.40 21.60
N THR B 921 -35.54 0.79 20.94
CA THR B 921 -34.59 -0.23 20.51
C THR B 921 -33.91 -0.88 21.70
N TYR B 922 -33.61 -0.12 22.75
CA TYR B 922 -33.02 -0.73 23.92
C TYR B 922 -34.00 -1.70 24.58
N CYS B 923 -35.26 -1.28 24.72
CA CYS B 923 -36.25 -2.14 25.34
C CYS B 923 -36.45 -3.42 24.54
N LEU B 924 -36.50 -3.31 23.21
CA LEU B 924 -36.65 -4.51 22.39
C LEU B 924 -35.46 -5.44 22.55
N TYR B 925 -34.26 -4.88 22.58
CA TYR B 925 -33.08 -5.70 22.86
C TYR B 925 -33.26 -6.45 24.18
N LEU B 926 -33.69 -5.73 25.22
CA LEU B 926 -33.79 -6.36 26.53
C LEU B 926 -34.82 -7.47 26.52
N ILE B 927 -35.98 -7.21 25.95
CA ILE B 927 -37.06 -8.19 26.02
C ILE B 927 -36.69 -9.42 25.21
N SER B 928 -35.99 -9.24 24.08
CA SER B 928 -35.56 -10.39 23.31
C SER B 928 -34.55 -11.22 24.08
N SER B 929 -33.59 -10.56 24.73
CA SER B 929 -32.58 -11.30 25.48
C SER B 929 -33.24 -12.08 26.62
N ILE B 930 -34.23 -11.49 27.28
CA ILE B 930 -34.93 -12.20 28.34
C ILE B 930 -35.65 -13.41 27.77
N ILE B 931 -36.39 -13.22 26.67
CA ILE B 931 -37.12 -14.33 26.08
C ILE B 931 -36.19 -15.48 25.77
N TYR B 932 -35.03 -15.17 25.19
CA TYR B 932 -34.08 -16.22 24.90
C TYR B 932 -33.50 -16.84 26.15
N LEU B 933 -33.71 -16.22 27.30
CA LEU B 933 -33.33 -16.73 28.61
C LEU B 933 -31.84 -16.60 28.90
N GLN B 934 -31.14 -15.67 28.25
CA GLN B 934 -29.79 -15.27 28.63
C GLN B 934 -29.74 -13.75 28.68
N PRO B 935 -30.19 -13.14 29.78
CA PRO B 935 -30.11 -11.69 29.92
C PRO B 935 -28.83 -11.21 30.59
N TRP B 936 -28.00 -12.11 31.07
CA TRP B 936 -26.82 -11.72 31.84
C TRP B 936 -25.74 -11.08 30.99
N HIS B 937 -25.99 -10.87 29.71
CA HIS B 937 -25.12 -10.06 28.88
C HIS B 937 -25.63 -8.65 28.70
N MET B 938 -26.93 -8.42 28.86
CA MET B 938 -27.49 -7.09 28.63
C MET B 938 -26.98 -6.03 29.59
N LEU B 939 -26.54 -6.41 30.78
CA LEU B 939 -26.06 -5.44 31.73
C LEU B 939 -24.59 -5.62 32.06
N THR B 940 -24.09 -6.85 32.00
CA THR B 940 -22.68 -7.07 32.30
C THR B 940 -21.78 -6.45 31.25
N SER B 941 -22.03 -6.73 29.98
CA SER B 941 -21.09 -6.42 28.92
C SER B 941 -21.73 -5.57 27.84
N PHE B 942 -22.53 -4.59 28.23
CA PHE B 942 -23.20 -3.74 27.25
C PHE B 942 -22.45 -2.44 27.00
N ILE B 943 -21.97 -1.79 28.07
CA ILE B 943 -21.36 -0.48 27.92
C ILE B 943 -20.10 -0.57 27.07
N GLN B 944 -19.34 -1.65 27.23
CA GLN B 944 -18.17 -1.82 26.39
C GLN B 944 -18.56 -1.82 24.91
N TYR B 945 -19.61 -2.54 24.55
CA TYR B 945 -20.00 -2.58 23.16
C TYR B 945 -20.46 -1.22 22.68
N ILE B 946 -21.25 -0.52 23.47
CA ILE B 946 -21.71 0.79 23.03
C ILE B 946 -20.52 1.70 22.78
N LEU B 947 -19.56 1.73 23.69
CA LEU B 947 -18.41 2.61 23.48
C LEU B 947 -17.51 2.15 22.36
N LEU B 948 -17.54 0.88 22.00
CA LEU B 948 -16.73 0.46 20.89
C LEU B 948 -17.40 0.60 19.55
N SER B 949 -18.71 0.83 19.51
CA SER B 949 -19.39 0.88 18.22
C SER B 949 -18.74 1.84 17.23
N PRO B 950 -18.27 3.03 17.59
CA PRO B 950 -17.57 3.83 16.59
C PRO B 950 -16.39 3.11 15.99
N SER B 951 -15.61 2.40 16.80
CA SER B 951 -14.49 1.66 16.22
C SER B 951 -14.97 0.57 15.30
N TYR B 952 -16.17 0.03 15.54
CA TYR B 952 -16.72 -0.98 14.64
C TYR B 952 -17.18 -0.37 13.33
N ILE B 953 -17.43 0.93 13.29
CA ILE B 953 -17.90 1.55 12.06
C ILE B 953 -16.78 2.18 11.26
N ASN B 954 -15.88 2.91 11.92
CA ASN B 954 -14.91 3.74 11.22
C ASN B 954 -13.51 3.15 11.16
N VAL B 955 -13.26 2.01 11.78
CA VAL B 955 -11.94 1.40 11.76
C VAL B 955 -11.99 0.01 11.16
N LEU B 956 -12.88 -0.85 11.65
CA LEU B 956 -13.00 -2.16 11.07
C LEU B 956 -13.41 -2.09 9.61
N ASN B 957 -14.34 -1.21 9.26
CA ASN B 957 -14.71 -1.04 7.87
C ASN B 957 -13.53 -0.59 7.04
N ILE B 958 -12.87 0.49 7.47
CA ILE B 958 -11.81 1.08 6.68
C ILE B 958 -10.72 0.07 6.42
N TYR B 959 -10.27 -0.61 7.48
CA TYR B 959 -9.23 -1.60 7.28
C TYR B 959 -9.76 -2.79 6.51
N ALA B 960 -11.04 -3.11 6.62
CA ALA B 960 -11.57 -4.25 5.88
C ALA B 960 -11.50 -3.99 4.38
N PHE B 961 -12.01 -2.84 3.95
CA PHE B 961 -11.97 -2.52 2.53
C PHE B 961 -10.56 -2.29 2.05
N CYS B 962 -9.72 -1.65 2.84
CA CYS B 962 -8.41 -1.32 2.33
C CYS B 962 -7.53 -2.53 2.10
N ASN B 963 -7.94 -3.70 2.56
CA ASN B 963 -7.16 -4.91 2.33
C ASN B 963 -8.03 -6.01 1.78
N VAL B 964 -8.79 -5.67 0.72
CA VAL B 964 -9.70 -6.64 0.12
C VAL B 964 -8.97 -7.93 -0.21
N HIS B 965 -7.95 -7.87 -1.05
CA HIS B 965 -7.38 -9.09 -1.57
C HIS B 965 -6.08 -9.51 -0.90
N ASP B 966 -5.48 -8.66 -0.08
CA ASP B 966 -4.19 -8.97 0.56
C ASP B 966 -3.13 -9.31 -0.50
N PRO B 1026 4.25 -10.21 -18.64
CA PRO B 1026 4.88 -10.96 -17.54
C PRO B 1026 4.09 -12.18 -17.10
N SER B 1027 4.52 -12.80 -16.01
CA SER B 1027 3.91 -14.04 -15.57
C SER B 1027 2.42 -13.85 -15.27
N TYR B 1028 1.73 -14.98 -15.17
CA TYR B 1028 0.31 -14.93 -14.84
C TYR B 1028 0.10 -14.39 -13.44
N ASP B 1029 1.00 -14.72 -12.51
CA ASP B 1029 0.82 -14.31 -11.12
C ASP B 1029 0.69 -12.81 -10.99
N GLU B 1030 1.64 -12.08 -11.57
CA GLU B 1030 1.54 -10.63 -11.53
C GLU B 1030 0.28 -10.16 -12.24
N LYS B 1031 -0.21 -10.91 -13.23
CA LYS B 1031 -1.43 -10.49 -13.89
C LYS B 1031 -2.62 -10.57 -12.96
N LYS B 1032 -2.75 -11.67 -12.21
CA LYS B 1032 -3.80 -11.69 -11.19
C LYS B 1032 -3.59 -10.54 -10.22
N THR B 1033 -2.34 -10.30 -9.83
CA THR B 1033 -2.06 -9.26 -8.86
C THR B 1033 -2.51 -7.90 -9.36
N GLY B 1034 -2.24 -7.60 -10.63
CA GLY B 1034 -2.73 -6.36 -11.20
C GLY B 1034 -4.24 -6.28 -11.17
N TYR B 1035 -4.90 -7.38 -11.52
CA TYR B 1035 -6.35 -7.38 -11.48
C TYR B 1035 -6.86 -7.18 -10.06
N TYR B 1036 -6.21 -7.83 -9.09
CA TYR B 1036 -6.62 -7.74 -7.70
C TYR B 1036 -6.50 -6.30 -7.21
N ALA B 1037 -5.38 -5.66 -7.50
CA ALA B 1037 -5.20 -4.28 -7.11
C ALA B 1037 -6.23 -3.40 -7.79
N ASN B 1038 -6.55 -3.68 -9.05
CA ASN B 1038 -7.58 -2.92 -9.72
C ASN B 1038 -8.88 -2.97 -8.95
N VAL B 1039 -9.34 -4.16 -8.59
CA VAL B 1039 -10.62 -4.29 -7.91
C VAL B 1039 -10.57 -3.60 -6.56
N ARG B 1040 -9.48 -3.80 -5.82
CA ARG B 1040 -9.37 -3.21 -4.49
C ARG B 1040 -9.48 -1.69 -4.54
N SER B 1041 -8.65 -1.08 -5.36
CA SER B 1041 -8.63 0.37 -5.46
C SER B 1041 -9.78 0.90 -6.29
N LEU B 1042 -10.67 0.04 -6.78
CA LEU B 1042 -11.89 0.58 -7.36
C LEU B 1042 -13.02 0.57 -6.34
N VAL B 1043 -13.10 -0.51 -5.55
CA VAL B 1043 -14.16 -0.60 -4.55
C VAL B 1043 -14.02 0.53 -3.54
N ILE B 1044 -12.79 0.79 -3.09
CA ILE B 1044 -12.64 1.85 -2.10
C ILE B 1044 -13.12 3.18 -2.65
N ILE B 1045 -12.81 3.46 -3.92
CA ILE B 1045 -13.25 4.73 -4.50
C ILE B 1045 -14.77 4.81 -4.51
N PHE B 1046 -15.43 3.75 -4.97
CA PHE B 1046 -16.89 3.82 -5.02
C PHE B 1046 -17.46 4.01 -3.64
N TRP B 1047 -16.92 3.30 -2.66
CA TRP B 1047 -17.46 3.39 -1.32
C TRP B 1047 -17.35 4.81 -0.80
N VAL B 1048 -16.15 5.38 -0.87
CA VAL B 1048 -15.92 6.70 -0.30
C VAL B 1048 -16.73 7.75 -1.04
N ILE B 1049 -16.73 7.69 -2.37
CA ILE B 1049 -17.44 8.69 -3.15
C ILE B 1049 -18.93 8.67 -2.83
N THR B 1050 -19.52 7.48 -2.82
CA THR B 1050 -20.95 7.38 -2.59
C THR B 1050 -21.33 7.88 -1.20
N ASN B 1051 -20.58 7.46 -0.18
CA ASN B 1051 -20.85 8.00 1.14
C ASN B 1051 -20.77 9.52 1.14
N PHE B 1052 -19.76 10.07 0.47
CA PHE B 1052 -19.69 11.51 0.44
C PHE B 1052 -20.85 12.12 -0.33
N ILE B 1053 -21.36 11.41 -1.34
CA ILE B 1053 -22.51 11.91 -2.06
C ILE B 1053 -23.64 12.17 -1.08
N ILE B 1054 -23.88 11.22 -0.20
CA ILE B 1054 -24.94 11.39 0.80
C ILE B 1054 -24.61 12.57 1.70
N VAL B 1055 -23.37 12.66 2.16
CA VAL B 1055 -23.04 13.75 3.07
C VAL B 1055 -23.26 15.09 2.40
N ALA B 1056 -22.86 15.20 1.14
CA ALA B 1056 -23.03 16.46 0.43
C ALA B 1056 -24.49 16.80 0.26
N VAL B 1057 -25.31 15.82 -0.08
CA VAL B 1057 -26.72 16.12 -0.32
C VAL B 1057 -27.40 16.56 0.96
N VAL B 1058 -27.02 15.98 2.10
CA VAL B 1058 -27.71 16.29 3.35
C VAL B 1058 -27.15 17.56 3.97
N LEU B 1059 -25.87 17.54 4.33
CA LEU B 1059 -25.24 18.68 4.97
C LEU B 1059 -25.03 19.86 4.03
N GLU B 1060 -25.25 19.69 2.73
CA GLU B 1060 -24.96 20.74 1.76
C GLU B 1060 -23.48 21.10 1.78
N THR B 1061 -22.63 20.08 1.74
CA THR B 1061 -21.20 20.26 1.58
C THR B 1061 -20.86 20.01 0.11
N GLY B 1062 -19.63 20.27 -0.28
CA GLY B 1062 -19.26 20.13 -1.67
C GLY B 1062 -19.70 21.27 -2.55
N GLY B 1063 -20.00 22.41 -1.95
CA GLY B 1063 -20.32 23.59 -2.69
C GLY B 1063 -21.71 23.63 -3.26
N ILE B 1064 -22.51 22.59 -3.06
CA ILE B 1064 -23.90 22.68 -3.49
C ILE B 1064 -24.60 23.82 -2.76
N ALA B 1065 -24.27 23.99 -1.49
CA ALA B 1065 -24.84 25.10 -0.73
C ALA B 1065 -24.47 26.44 -1.34
N ASP B 1066 -23.21 26.58 -1.75
CA ASP B 1066 -22.80 27.78 -2.47
C ASP B 1066 -23.60 27.94 -3.75
N TYR B 1067 -23.71 26.87 -4.53
CA TYR B 1067 -24.50 26.94 -5.75
C TYR B 1067 -25.91 27.42 -5.47
N ILE B 1068 -26.49 26.99 -4.34
CA ILE B 1068 -27.83 27.43 -4.00
C ILE B 1068 -27.85 28.93 -3.75
N ALA B 1069 -26.96 29.40 -2.88
CA ALA B 1069 -27.00 30.81 -2.50
C ALA B 1069 -26.78 31.70 -3.71
N MET B 1070 -25.81 31.34 -4.53
CA MET B 1070 -25.53 32.11 -5.73
C MET B 1070 -26.59 31.96 -6.80
N LYS B 1071 -27.30 30.83 -6.81
CA LYS B 1071 -28.47 30.72 -7.67
C LYS B 1071 -29.52 31.75 -7.29
N SER B 1072 -29.76 31.92 -5.99
CA SER B 1072 -30.68 32.96 -5.57
C SER B 1072 -30.11 34.33 -5.86
N ILE B 1073 -28.78 34.45 -5.86
CA ILE B 1073 -28.16 35.72 -6.23
C ILE B 1073 -28.53 36.11 -7.64
N SER B 1074 -28.49 35.15 -8.58
CA SER B 1074 -28.79 35.48 -9.96
C SER B 1074 -30.20 36.00 -10.16
N ILE B 1087 -24.88 31.62 2.69
CA ILE B 1087 -25.39 30.28 2.91
C ILE B 1087 -25.93 30.13 4.33
N PRO B 1088 -27.04 29.42 4.52
CA PRO B 1088 -27.52 29.15 5.89
C PRO B 1088 -26.78 28.00 6.55
N LEU B 1089 -26.92 27.93 7.87
CA LEU B 1089 -26.17 26.95 8.64
C LEU B 1089 -26.67 25.53 8.44
N MET B 1090 -27.89 25.23 8.90
CA MET B 1090 -28.52 23.93 8.72
C MET B 1090 -29.93 24.13 8.22
N THR B 1091 -30.41 23.16 7.46
CA THR B 1091 -31.71 23.23 6.81
C THR B 1091 -32.65 22.19 7.43
N SER B 1092 -33.85 22.10 6.85
CA SER B 1092 -34.76 21.04 7.24
C SER B 1092 -34.26 19.67 6.82
N LYS B 1093 -33.35 19.60 5.84
CA LYS B 1093 -32.82 18.32 5.42
C LYS B 1093 -32.18 17.58 6.59
N ALA B 1094 -31.44 18.30 7.42
CA ALA B 1094 -30.77 17.66 8.55
C ALA B 1094 -31.78 17.01 9.49
N SER B 1095 -32.82 17.75 9.87
CA SER B 1095 -33.82 17.19 10.76
C SER B 1095 -34.49 15.97 10.14
N ILE B 1096 -34.83 16.06 8.86
CA ILE B 1096 -35.53 14.95 8.21
C ILE B 1096 -34.65 13.71 8.20
N TYR B 1097 -33.41 13.84 7.74
CA TYR B 1097 -32.53 12.68 7.67
C TYR B 1097 -32.24 12.12 9.04
N PHE B 1098 -32.04 13.02 10.01
CA PHE B 1098 -31.71 12.58 11.39
C PHE B 1098 -32.84 11.69 11.89
N ASN B 1099 -34.09 12.11 11.68
CA ASN B 1099 -35.21 11.25 12.05
C ASN B 1099 -35.17 9.94 11.29
N VAL B 1100 -34.82 9.98 10.01
CA VAL B 1100 -34.89 8.79 9.18
C VAL B 1100 -33.95 7.70 9.68
N ILE B 1101 -32.73 8.07 10.06
CA ILE B 1101 -31.78 7.04 10.45
C ILE B 1101 -32.25 6.31 11.71
N LEU B 1102 -32.73 7.05 12.70
CA LEU B 1102 -33.19 6.38 13.91
C LEU B 1102 -34.48 5.63 13.67
N TRP B 1103 -35.36 6.18 12.85
CA TRP B 1103 -36.57 5.47 12.46
C TRP B 1103 -36.22 4.12 11.88
N LEU B 1104 -35.26 4.10 10.97
CA LEU B 1104 -34.86 2.85 10.34
C LEU B 1104 -34.25 1.90 11.36
N VAL B 1105 -33.44 2.42 12.28
CA VAL B 1105 -32.80 1.55 13.26
C VAL B 1105 -33.86 0.87 14.11
N ALA B 1106 -34.85 1.63 14.57
CA ALA B 1106 -35.93 1.02 15.34
C ALA B 1106 -36.66 -0.02 14.52
N LEU B 1107 -36.85 0.26 13.22
CA LEU B 1107 -37.51 -0.71 12.36
C LEU B 1107 -36.73 -2.03 12.31
N SER B 1108 -35.41 -1.95 12.14
CA SER B 1108 -34.61 -3.17 12.06
C SER B 1108 -34.68 -3.95 13.36
N ALA B 1109 -34.58 -3.26 14.50
CA ALA B 1109 -34.65 -3.96 15.77
C ALA B 1109 -35.98 -4.65 15.93
N LEU B 1110 -37.06 -3.97 15.58
CA LEU B 1110 -38.39 -4.56 15.71
C LEU B 1110 -38.52 -5.82 14.86
N ILE B 1111 -38.07 -5.76 13.62
CA ILE B 1111 -38.23 -6.91 12.74
C ILE B 1111 -37.47 -8.10 13.28
N ARG B 1112 -36.20 -7.91 13.65
CA ARG B 1112 -35.44 -9.03 14.15
C ARG B 1112 -36.02 -9.55 15.46
N PHE B 1113 -36.64 -8.67 16.24
CA PHE B 1113 -37.34 -9.12 17.44
C PHE B 1113 -38.47 -10.07 17.08
N ILE B 1114 -39.28 -9.71 16.08
CA ILE B 1114 -40.34 -10.61 15.66
C ILE B 1114 -39.76 -11.95 15.23
N GLY B 1115 -38.64 -11.93 14.52
CA GLY B 1115 -38.02 -13.17 14.11
C GLY B 1115 -37.65 -14.03 15.30
N CYS B 1116 -37.07 -13.42 16.33
CA CYS B 1116 -36.74 -14.17 17.53
C CYS B 1116 -37.98 -14.76 18.18
N SER B 1117 -39.04 -13.97 18.27
CA SER B 1117 -40.26 -14.46 18.91
C SER B 1117 -40.82 -15.66 18.18
N ILE B 1118 -40.89 -15.59 16.85
CA ILE B 1118 -41.47 -16.70 16.09
C ILE B 1118 -40.63 -17.95 16.23
N TYR B 1119 -39.31 -17.84 16.10
CA TYR B 1119 -38.49 -19.03 16.21
C TYR B 1119 -38.66 -19.69 17.57
N MET B 1120 -38.58 -18.89 18.64
CA MET B 1120 -38.69 -19.47 19.97
C MET B 1120 -40.06 -20.10 20.18
N ILE B 1121 -41.11 -19.46 19.70
CA ILE B 1121 -42.46 -19.99 19.86
C ILE B 1121 -42.59 -21.32 19.15
N VAL B 1122 -42.06 -21.41 17.94
CA VAL B 1122 -42.17 -22.66 17.19
C VAL B 1122 -41.43 -23.77 17.91
N ARG B 1123 -40.24 -23.50 18.40
CA ARG B 1123 -39.50 -24.52 19.13
C ARG B 1123 -40.25 -24.95 20.37
N PHE B 1124 -40.85 -24.00 21.08
CA PHE B 1124 -41.63 -24.33 22.28
C PHE B 1124 -42.81 -25.23 21.93
N PHE B 1125 -43.55 -24.89 20.89
CA PHE B 1125 -44.72 -25.68 20.53
C PHE B 1125 -44.34 -27.09 20.11
N LYS B 1126 -43.31 -27.22 19.28
CA LYS B 1126 -42.87 -28.55 18.86
C LYS B 1126 -42.37 -29.36 20.05
N LYS B 1127 -41.68 -28.69 21.00
CA LYS B 1127 -41.27 -29.39 22.21
C LYS B 1127 -42.47 -29.84 23.02
N VAL B 1128 -43.50 -28.99 23.11
CA VAL B 1128 -44.70 -29.33 23.88
C VAL B 1128 -45.39 -30.55 23.29
N THR B 1129 -45.55 -30.57 21.97
CA THR B 1129 -46.12 -31.75 21.31
C THR B 1129 -45.19 -32.95 21.49
N PHE B 1130 -43.87 -32.74 21.38
CA PHE B 1130 -42.94 -33.84 21.56
C PHE B 1130 -42.86 -34.32 23.00
#